data_7S7P
#
_entry.id   7S7P
#
_entity_poly.entity_id   1
_entity_poly.type   'polypeptide(L)'
_entity_poly.pdbx_seq_one_letter_code
;KSCCPSTTARNIYNTCRFGGGSRTLCAKLSGCKIVSGTTCPK
;
_entity_poly.pdbx_strand_id   A
#
# COMPACT_ATOMS: atom_id res chain seq x y z
N LYS A 1 -4.70 -4.57 6.40
CA LYS A 1 -4.26 -3.18 6.44
C LYS A 1 -3.08 -2.95 5.54
N SER A 2 -3.04 -1.81 4.93
CA SER A 2 -1.97 -1.45 4.06
C SER A 2 -1.10 -0.43 4.78
N CYS A 3 0.13 -0.79 5.04
CA CYS A 3 1.04 0.07 5.78
C CYS A 3 2.07 0.67 4.86
N CYS A 4 2.13 1.97 4.80
CA CYS A 4 3.01 2.68 3.93
C CYS A 4 4.04 3.48 4.72
N PRO A 5 5.30 3.53 4.22
CA PRO A 5 6.37 4.29 4.87
C PRO A 5 6.40 5.77 4.49
N SER A 6 5.41 6.21 3.74
CA SER A 6 5.31 7.59 3.29
C SER A 6 3.86 7.89 2.89
N THR A 7 3.49 9.15 2.97
CA THR A 7 2.18 9.58 2.55
C THR A 7 2.06 9.50 1.03
N THR A 8 3.14 9.84 0.34
CA THR A 8 3.23 9.76 -1.10
C THR A 8 3.03 8.31 -1.53
N ALA A 9 3.54 7.39 -0.71
CA ALA A 9 3.39 5.97 -0.95
C ALA A 9 1.92 5.59 -0.91
N ARG A 10 1.21 6.06 0.13
CA ARG A 10 -0.23 5.82 0.23
C ARG A 10 -0.99 6.39 -0.94
N ASN A 11 -0.67 7.63 -1.30
CA ASN A 11 -1.35 8.32 -2.41
C ASN A 11 -1.25 7.51 -3.68
N ILE A 12 -0.03 7.11 -4.01
CA ILE A 12 0.26 6.31 -5.19
C ILE A 12 -0.41 4.94 -5.08
N TYR A 13 -0.27 4.33 -3.91
CA TYR A 13 -0.86 3.02 -3.64
C TYR A 13 -2.37 3.03 -3.84
N ASN A 14 -3.04 3.94 -3.16
CA ASN A 14 -4.48 4.00 -3.13
C ASN A 14 -5.04 4.22 -4.51
N THR A 15 -4.41 5.09 -5.26
CA THR A 15 -4.88 5.39 -6.60
C THR A 15 -4.55 4.27 -7.58
N CYS A 16 -3.44 3.61 -7.35
CA CYS A 16 -3.04 2.47 -8.15
C CYS A 16 -4.07 1.36 -8.04
N ARG A 17 -4.45 1.06 -6.81
CA ARG A 17 -5.35 -0.04 -6.57
C ARG A 17 -6.80 0.40 -6.62
N PHE A 18 -7.00 1.69 -6.75
CA PHE A 18 -8.33 2.28 -6.88
C PHE A 18 -8.95 1.85 -8.18
N GLY A 19 -8.23 2.09 -9.25
CA GLY A 19 -8.72 1.74 -10.56
C GLY A 19 -8.28 0.38 -10.99
N GLY A 20 -7.00 0.18 -11.10
CA GLY A 20 -6.48 -1.06 -11.57
C GLY A 20 -5.75 -1.84 -10.53
N GLY A 21 -4.87 -2.72 -11.00
CA GLY A 21 -4.00 -3.53 -10.17
C GLY A 21 -4.70 -4.31 -9.08
N SER A 22 -4.02 -4.43 -7.98
CA SER A 22 -4.49 -5.13 -6.81
C SER A 22 -3.75 -4.53 -5.65
N ARG A 23 -4.20 -4.80 -4.44
CA ARG A 23 -3.61 -4.24 -3.24
C ARG A 23 -2.13 -4.57 -3.13
N THR A 24 -1.78 -5.81 -3.37
CA THR A 24 -0.42 -6.27 -3.21
C THR A 24 0.49 -5.74 -4.31
N LEU A 25 0.00 -5.75 -5.54
CA LEU A 25 0.74 -5.27 -6.69
C LEU A 25 1.05 -3.78 -6.54
N CYS A 26 0.08 -3.05 -6.04
CA CYS A 26 0.23 -1.64 -5.85
C CYS A 26 1.06 -1.32 -4.64
N ALA A 27 0.90 -2.11 -3.58
CA ALA A 27 1.73 -1.97 -2.39
C ALA A 27 3.20 -2.18 -2.73
N LYS A 28 3.48 -3.17 -3.57
CA LYS A 28 4.83 -3.45 -4.03
C LYS A 28 5.44 -2.23 -4.71
N LEU A 29 4.62 -1.54 -5.47
CA LEU A 29 5.00 -0.35 -6.20
C LEU A 29 5.40 0.79 -5.25
N SER A 30 4.52 1.10 -4.34
CA SER A 30 4.69 2.21 -3.44
C SER A 30 5.67 1.91 -2.28
N GLY A 31 5.84 0.64 -1.97
CA GLY A 31 6.70 0.25 -0.88
C GLY A 31 5.88 -0.04 0.36
N CYS A 32 4.60 -0.13 0.17
CA CYS A 32 3.66 -0.39 1.23
C CYS A 32 3.55 -1.88 1.49
N LYS A 33 3.18 -2.24 2.68
CA LYS A 33 3.03 -3.62 3.04
C LYS A 33 1.57 -3.94 3.26
N ILE A 34 1.11 -5.00 2.65
CA ILE A 34 -0.23 -5.46 2.86
C ILE A 34 -0.18 -6.43 4.03
N VAL A 35 -0.59 -5.98 5.15
CA VAL A 35 -0.51 -6.76 6.35
C VAL A 35 -1.91 -7.04 6.87
N SER A 36 -2.02 -7.81 7.91
CA SER A 36 -3.30 -8.11 8.48
C SER A 36 -3.82 -6.91 9.27
N GLY A 37 -3.11 -6.57 10.33
CA GLY A 37 -3.50 -5.46 11.14
C GLY A 37 -3.08 -5.58 12.59
N THR A 38 -2.22 -6.53 12.88
CA THR A 38 -1.72 -6.71 14.22
C THR A 38 -0.53 -5.77 14.47
N THR A 39 0.29 -5.64 13.47
CA THR A 39 1.40 -4.73 13.46
C THR A 39 1.30 -3.83 12.24
N CYS A 40 2.20 -2.89 12.11
CA CYS A 40 2.20 -2.01 10.97
C CYS A 40 3.62 -1.54 10.70
N PRO A 41 4.29 -2.15 9.72
CA PRO A 41 5.66 -1.80 9.38
C PRO A 41 5.74 -0.55 8.48
N LYS A 42 6.93 -0.06 8.34
CA LYS A 42 7.22 1.08 7.52
C LYS A 42 8.20 0.65 6.46
N LYS A 1 -4.11 -4.13 6.76
CA LYS A 1 -3.62 -2.77 6.85
C LYS A 1 -2.53 -2.54 5.83
N SER A 2 -2.61 -1.43 5.16
CA SER A 2 -1.62 -1.08 4.20
C SER A 2 -0.73 0.00 4.82
N CYS A 3 0.53 -0.29 4.89
CA CYS A 3 1.47 0.61 5.51
C CYS A 3 2.39 1.25 4.49
N CYS A 4 2.33 2.55 4.40
CA CYS A 4 3.19 3.29 3.54
C CYS A 4 4.06 4.22 4.37
N PRO A 5 5.35 4.36 4.03
CA PRO A 5 6.31 5.19 4.81
C PRO A 5 6.09 6.70 4.62
N SER A 6 5.28 7.05 3.64
CA SER A 6 5.00 8.42 3.33
C SER A 6 3.55 8.54 2.89
N THR A 7 3.03 9.74 2.84
CA THR A 7 1.72 9.98 2.30
C THR A 7 1.81 9.85 0.77
N THR A 8 2.97 10.23 0.24
CA THR A 8 3.24 10.15 -1.17
C THR A 8 3.05 8.70 -1.68
N ALA A 9 3.63 7.74 -0.97
CA ALA A 9 3.49 6.34 -1.33
C ALA A 9 2.03 5.91 -1.28
N ARG A 10 1.29 6.41 -0.27
CA ARG A 10 -0.15 6.10 -0.12
C ARG A 10 -0.90 6.62 -1.30
N ASN A 11 -0.57 7.84 -1.68
CA ASN A 11 -1.21 8.51 -2.82
C ASN A 11 -1.14 7.65 -4.07
N ILE A 12 0.07 7.25 -4.43
CA ILE A 12 0.28 6.39 -5.59
C ILE A 12 -0.40 5.04 -5.39
N TYR A 13 -0.25 4.48 -4.20
CA TYR A 13 -0.86 3.19 -3.83
C TYR A 13 -2.37 3.21 -4.01
N ASN A 14 -3.03 4.17 -3.39
CA ASN A 14 -4.49 4.24 -3.41
C ASN A 14 -4.98 4.46 -4.81
N THR A 15 -4.35 5.35 -5.56
CA THR A 15 -4.78 5.58 -6.93
C THR A 15 -4.43 4.41 -7.84
N CYS A 16 -3.47 3.62 -7.44
CA CYS A 16 -3.13 2.41 -8.15
C CYS A 16 -4.23 1.40 -7.97
N ARG A 17 -4.59 1.10 -6.74
CA ARG A 17 -5.56 0.05 -6.48
C ARG A 17 -7.01 0.54 -6.55
N PHE A 18 -7.15 1.82 -6.75
CA PHE A 18 -8.43 2.50 -6.92
C PHE A 18 -9.11 1.92 -8.15
N GLY A 19 -8.42 1.98 -9.26
CA GLY A 19 -8.94 1.44 -10.49
C GLY A 19 -7.98 0.51 -11.17
N GLY A 20 -7.00 0.07 -10.44
CA GLY A 20 -5.97 -0.79 -10.96
C GLY A 20 -6.06 -2.18 -10.42
N GLY A 21 -4.95 -2.89 -10.42
CA GLY A 21 -4.88 -4.25 -9.96
C GLY A 21 -5.03 -4.40 -8.44
N SER A 22 -4.45 -5.45 -7.92
CA SER A 22 -4.58 -5.82 -6.55
C SER A 22 -3.84 -4.88 -5.59
N ARG A 23 -4.28 -4.86 -4.35
CA ARG A 23 -3.74 -3.98 -3.36
C ARG A 23 -2.29 -4.29 -3.03
N THR A 24 -1.93 -5.55 -3.00
CA THR A 24 -0.56 -5.86 -2.66
C THR A 24 0.37 -5.64 -3.86
N LEU A 25 -0.17 -5.75 -5.08
CA LEU A 25 0.60 -5.44 -6.26
C LEU A 25 0.90 -3.95 -6.23
N CYS A 26 -0.12 -3.17 -5.97
CA CYS A 26 -0.01 -1.73 -5.86
C CYS A 26 0.90 -1.33 -4.73
N ALA A 27 0.80 -2.01 -3.61
CA ALA A 27 1.70 -1.77 -2.48
C ALA A 27 3.13 -2.02 -2.89
N LYS A 28 3.39 -3.16 -3.52
CA LYS A 28 4.72 -3.54 -3.98
C LYS A 28 5.28 -2.47 -4.92
N LEU A 29 4.45 -1.98 -5.82
CA LEU A 29 4.83 -0.98 -6.77
C LEU A 29 5.08 0.38 -6.11
N SER A 30 4.35 0.69 -5.06
CA SER A 30 4.44 1.99 -4.42
C SER A 30 5.47 2.03 -3.28
N GLY A 31 5.78 0.88 -2.72
CA GLY A 31 6.72 0.82 -1.61
C GLY A 31 5.98 0.71 -0.28
N CYS A 32 4.81 0.12 -0.33
CA CYS A 32 3.95 -0.04 0.83
C CYS A 32 3.86 -1.51 1.19
N LYS A 33 3.55 -1.79 2.43
CA LYS A 33 3.40 -3.16 2.89
C LYS A 33 1.93 -3.49 3.14
N ILE A 34 1.51 -4.63 2.66
CA ILE A 34 0.16 -5.10 2.93
C ILE A 34 0.27 -6.09 4.08
N VAL A 35 -0.11 -5.68 5.23
CA VAL A 35 0.01 -6.51 6.40
C VAL A 35 -1.35 -6.94 6.90
N SER A 36 -1.48 -8.20 7.15
CA SER A 36 -2.73 -8.78 7.57
C SER A 36 -2.75 -8.96 9.10
N GLY A 37 -1.92 -8.20 9.78
CA GLY A 37 -1.84 -8.28 11.21
C GLY A 37 -2.63 -7.16 11.85
N THR A 38 -2.58 -7.06 13.14
CA THR A 38 -3.29 -6.06 13.86
C THR A 38 -2.50 -4.75 13.87
N THR A 39 -1.21 -4.85 14.04
CA THR A 39 -0.37 -3.70 14.07
C THR A 39 0.49 -3.59 12.82
N CYS A 40 1.07 -2.45 12.63
CA CYS A 40 1.88 -2.18 11.48
C CYS A 40 3.36 -2.36 11.83
N PRO A 41 4.09 -3.18 11.05
CA PRO A 41 5.51 -3.44 11.26
C PRO A 41 6.37 -2.43 10.48
N LYS A 42 7.63 -2.76 10.27
CA LYS A 42 8.53 -1.90 9.55
C LYS A 42 8.46 -2.22 8.04
N LYS A 1 -2.56 -4.19 8.16
CA LYS A 1 -2.92 -2.86 7.70
C LYS A 1 -2.05 -2.52 6.50
N SER A 2 -2.39 -1.45 5.81
CA SER A 2 -1.59 -0.99 4.71
C SER A 2 -0.58 0.01 5.26
N CYS A 3 0.66 -0.37 5.29
CA CYS A 3 1.69 0.46 5.89
C CYS A 3 2.58 1.07 4.82
N CYS A 4 2.47 2.35 4.61
CA CYS A 4 3.28 3.05 3.66
C CYS A 4 4.31 3.88 4.38
N PRO A 5 5.55 3.95 3.87
CA PRO A 5 6.62 4.72 4.51
C PRO A 5 6.41 6.23 4.39
N SER A 6 5.65 6.64 3.40
CA SER A 6 5.41 8.04 3.17
C SER A 6 4.01 8.27 2.61
N THR A 7 3.54 9.50 2.69
CA THR A 7 2.26 9.91 2.16
C THR A 7 2.25 9.78 0.64
N THR A 8 3.37 10.12 0.00
CA THR A 8 3.49 10.01 -1.43
C THR A 8 3.36 8.54 -1.87
N ALA A 9 3.76 7.62 -1.00
CA ALA A 9 3.62 6.22 -1.27
C ALA A 9 2.15 5.85 -1.26
N ARG A 10 1.43 6.32 -0.23
CA ARG A 10 -0.02 6.13 -0.13
C ARG A 10 -0.74 6.68 -1.34
N ASN A 11 -0.33 7.86 -1.78
CA ASN A 11 -0.98 8.54 -2.92
C ASN A 11 -0.99 7.63 -4.15
N ILE A 12 0.20 7.18 -4.55
CA ILE A 12 0.35 6.31 -5.73
C ILE A 12 -0.32 4.97 -5.49
N TYR A 13 -0.12 4.43 -4.29
CA TYR A 13 -0.69 3.17 -3.90
C TYR A 13 -2.22 3.19 -4.00
N ASN A 14 -2.82 4.16 -3.37
CA ASN A 14 -4.26 4.25 -3.29
C ASN A 14 -4.92 4.48 -4.61
N THR A 15 -4.32 5.25 -5.50
CA THR A 15 -4.91 5.45 -6.81
C THR A 15 -4.75 4.23 -7.68
N CYS A 16 -3.63 3.55 -7.51
CA CYS A 16 -3.36 2.34 -8.25
C CYS A 16 -4.39 1.28 -7.91
N ARG A 17 -4.53 0.98 -6.61
CA ARG A 17 -5.42 -0.09 -6.16
C ARG A 17 -6.88 0.33 -6.17
N PHE A 18 -7.09 1.59 -6.45
CA PHE A 18 -8.43 2.14 -6.55
C PHE A 18 -9.04 1.67 -7.86
N GLY A 19 -8.22 1.73 -8.90
CA GLY A 19 -8.63 1.24 -10.18
C GLY A 19 -8.37 -0.25 -10.31
N GLY A 20 -7.32 -0.61 -11.00
CA GLY A 20 -7.03 -2.01 -11.20
C GLY A 20 -5.83 -2.47 -10.41
N GLY A 21 -5.82 -3.73 -10.05
CA GLY A 21 -4.76 -4.26 -9.24
C GLY A 21 -5.20 -4.39 -7.80
N SER A 22 -4.56 -5.27 -7.08
CA SER A 22 -4.89 -5.50 -5.70
C SER A 22 -4.11 -4.55 -4.78
N ARG A 23 -4.39 -4.62 -3.49
CA ARG A 23 -3.71 -3.78 -2.51
C ARG A 23 -2.22 -4.07 -2.54
N THR A 24 -1.87 -5.33 -2.41
CA THR A 24 -0.49 -5.73 -2.33
C THR A 24 0.27 -5.49 -3.65
N LEU A 25 -0.42 -5.61 -4.78
CA LEU A 25 0.22 -5.36 -6.08
C LEU A 25 0.64 -3.89 -6.18
N CYS A 26 -0.27 -3.02 -5.84
CA CYS A 26 -0.02 -1.61 -5.91
C CYS A 26 0.89 -1.13 -4.80
N ALA A 27 0.83 -1.81 -3.68
CA ALA A 27 1.69 -1.51 -2.56
C ALA A 27 3.13 -1.80 -2.94
N LYS A 28 3.32 -2.85 -3.72
CA LYS A 28 4.64 -3.27 -4.18
C LYS A 28 5.30 -2.16 -5.01
N LEU A 29 4.47 -1.41 -5.72
CA LEU A 29 4.92 -0.33 -6.56
C LEU A 29 5.38 0.86 -5.72
N SER A 30 4.55 1.25 -4.78
CA SER A 30 4.81 2.41 -3.96
C SER A 30 5.84 2.13 -2.84
N GLY A 31 5.92 0.90 -2.41
CA GLY A 31 6.82 0.53 -1.35
C GLY A 31 6.07 0.36 -0.04
N CYS A 32 4.79 0.14 -0.17
CA CYS A 32 3.92 -0.04 0.97
C CYS A 32 3.87 -1.52 1.31
N LYS A 33 3.76 -1.80 2.56
CA LYS A 33 3.70 -3.14 3.05
C LYS A 33 2.27 -3.47 3.42
N ILE A 34 1.67 -4.37 2.68
CA ILE A 34 0.34 -4.80 2.99
C ILE A 34 0.45 -5.99 3.92
N VAL A 35 0.23 -5.78 5.17
CA VAL A 35 0.26 -6.86 6.10
C VAL A 35 -1.15 -7.26 6.43
N SER A 36 -1.34 -8.54 6.60
CA SER A 36 -2.62 -9.19 6.75
C SER A 36 -3.57 -8.52 7.76
N GLY A 37 -3.27 -8.63 9.03
CA GLY A 37 -4.20 -8.19 10.04
C GLY A 37 -3.92 -6.86 10.67
N THR A 38 -3.98 -6.86 11.98
CA THR A 38 -3.95 -5.68 12.80
C THR A 38 -2.54 -5.11 13.05
N THR A 39 -1.53 -5.72 12.50
CA THR A 39 -0.19 -5.24 12.72
C THR A 39 0.16 -4.22 11.66
N CYS A 40 1.26 -3.52 11.86
CA CYS A 40 1.72 -2.56 10.92
C CYS A 40 3.18 -2.23 11.21
N PRO A 41 4.10 -2.86 10.49
CA PRO A 41 5.52 -2.58 10.65
C PRO A 41 5.90 -1.31 9.90
N LYS A 42 6.97 -0.68 10.32
CA LYS A 42 7.44 0.52 9.66
C LYS A 42 8.17 0.16 8.40
N LYS A 1 -2.94 -3.20 8.57
CA LYS A 1 -2.87 -1.92 7.89
C LYS A 1 -1.82 -2.02 6.81
N SER A 2 -1.88 -1.15 5.86
CA SER A 2 -0.89 -1.06 4.84
C SER A 2 0.12 0.01 5.26
N CYS A 3 1.37 -0.33 5.25
CA CYS A 3 2.37 0.56 5.77
C CYS A 3 3.25 1.12 4.66
N CYS A 4 3.04 2.38 4.35
CA CYS A 4 3.81 3.09 3.36
C CYS A 4 4.89 3.91 4.04
N PRO A 5 6.09 4.01 3.44
CA PRO A 5 7.21 4.76 4.04
C PRO A 5 7.04 6.27 3.88
N SER A 6 6.09 6.65 3.08
CA SER A 6 5.78 8.02 2.81
C SER A 6 4.29 8.13 2.48
N THR A 7 3.73 9.26 2.74
CA THR A 7 2.33 9.50 2.50
C THR A 7 2.01 9.65 1.02
N THR A 8 2.97 10.14 0.26
CA THR A 8 2.81 10.22 -1.18
C THR A 8 2.73 8.80 -1.76
N ALA A 9 3.49 7.87 -1.15
CA ALA A 9 3.44 6.47 -1.53
C ALA A 9 2.04 5.94 -1.36
N ARG A 10 1.39 6.34 -0.24
CA ARG A 10 0.00 5.99 0.03
C ARG A 10 -0.90 6.46 -1.10
N ASN A 11 -0.77 7.71 -1.46
CA ASN A 11 -1.58 8.34 -2.52
C ASN A 11 -1.54 7.53 -3.80
N ILE A 12 -0.33 7.21 -4.26
CA ILE A 12 -0.16 6.42 -5.47
C ILE A 12 -0.71 5.00 -5.25
N TYR A 13 -0.38 4.41 -4.11
CA TYR A 13 -0.85 3.09 -3.73
C TYR A 13 -2.38 3.01 -3.75
N ASN A 14 -3.01 3.86 -2.99
CA ASN A 14 -4.45 3.86 -2.83
C ASN A 14 -5.16 4.05 -4.14
N THR A 15 -4.69 4.98 -4.95
CA THR A 15 -5.34 5.24 -6.22
C THR A 15 -5.11 4.12 -7.23
N CYS A 16 -3.96 3.47 -7.12
CA CYS A 16 -3.63 2.35 -7.98
C CYS A 16 -4.59 1.20 -7.68
N ARG A 17 -4.67 0.82 -6.41
CA ARG A 17 -5.51 -0.28 -5.99
C ARG A 17 -7.00 0.07 -6.02
N PHE A 18 -7.28 1.34 -6.13
CA PHE A 18 -8.63 1.84 -6.25
C PHE A 18 -9.13 1.48 -7.64
N GLY A 19 -8.27 1.71 -8.62
CA GLY A 19 -8.59 1.40 -9.99
C GLY A 19 -8.41 -0.07 -10.30
N GLY A 20 -7.36 -0.40 -10.98
CA GLY A 20 -7.09 -1.77 -11.31
C GLY A 20 -5.89 -2.28 -10.57
N GLY A 21 -5.85 -3.55 -10.33
CA GLY A 21 -4.76 -4.11 -9.59
C GLY A 21 -5.14 -4.35 -8.14
N SER A 22 -4.38 -5.17 -7.49
CA SER A 22 -4.62 -5.52 -6.12
C SER A 22 -3.86 -4.60 -5.19
N ARG A 23 -4.17 -4.69 -3.90
CA ARG A 23 -3.52 -3.88 -2.91
C ARG A 23 -2.05 -4.25 -2.84
N THR A 24 -1.75 -5.51 -3.04
CA THR A 24 -0.41 -6.00 -2.90
C THR A 24 0.49 -5.59 -4.06
N LEU A 25 -0.02 -5.71 -5.28
CA LEU A 25 0.76 -5.37 -6.46
C LEU A 25 0.94 -3.85 -6.57
N CYS A 26 -0.04 -3.12 -6.12
CA CYS A 26 0.04 -1.68 -6.10
C CYS A 26 0.95 -1.19 -4.98
N ALA A 27 0.89 -1.87 -3.84
CA ALA A 27 1.76 -1.54 -2.73
C ALA A 27 3.19 -1.82 -3.10
N LYS A 28 3.40 -2.88 -3.88
CA LYS A 28 4.71 -3.25 -4.37
C LYS A 28 5.32 -2.10 -5.18
N LEU A 29 4.47 -1.42 -5.92
CA LEU A 29 4.86 -0.31 -6.78
C LEU A 29 5.26 0.91 -5.96
N SER A 30 4.46 1.21 -4.97
CA SER A 30 4.68 2.38 -4.14
C SER A 30 5.75 2.16 -3.06
N GLY A 31 5.95 0.92 -2.67
CA GLY A 31 6.92 0.60 -1.64
C GLY A 31 6.24 0.39 -0.30
N CYS A 32 4.95 0.19 -0.36
CA CYS A 32 4.15 -0.01 0.83
C CYS A 32 4.16 -1.49 1.19
N LYS A 33 4.15 -1.76 2.46
CA LYS A 33 4.14 -3.10 2.96
C LYS A 33 2.72 -3.50 3.34
N ILE A 34 2.30 -4.64 2.85
CA ILE A 34 0.95 -5.14 3.09
C ILE A 34 1.00 -6.26 4.12
N VAL A 35 0.27 -6.11 5.17
CA VAL A 35 0.10 -7.17 6.13
C VAL A 35 -1.39 -7.47 6.23
N SER A 36 -1.74 -8.66 6.63
CA SER A 36 -3.14 -9.03 6.69
C SER A 36 -3.72 -8.71 8.06
N GLY A 37 -2.85 -8.41 8.99
CA GLY A 37 -3.27 -8.04 10.30
C GLY A 37 -3.69 -6.59 10.36
N THR A 38 -4.28 -6.20 11.45
CA THR A 38 -4.76 -4.86 11.63
C THR A 38 -3.67 -3.95 12.17
N THR A 39 -2.50 -4.52 12.38
CA THR A 39 -1.36 -3.82 12.86
C THR A 39 -0.55 -3.25 11.71
N CYS A 40 0.57 -2.65 12.02
CA CYS A 40 1.44 -2.07 11.03
C CYS A 40 2.88 -2.30 11.44
N PRO A 41 3.64 -3.09 10.66
CA PRO A 41 5.05 -3.33 10.92
C PRO A 41 5.87 -2.08 10.65
N LYS A 42 6.99 -1.98 11.29
CA LYS A 42 7.84 -0.84 11.14
C LYS A 42 8.97 -1.21 10.21
N LYS A 1 -4.93 -3.84 6.30
CA LYS A 1 -4.23 -2.62 6.65
C LYS A 1 -3.04 -2.44 5.74
N SER A 2 -3.01 -1.37 5.02
CA SER A 2 -1.89 -1.10 4.19
C SER A 2 -1.01 -0.11 4.90
N CYS A 3 0.15 -0.56 5.29
CA CYS A 3 1.10 0.30 5.93
C CYS A 3 1.89 1.05 4.90
N CYS A 4 1.59 2.29 4.73
CA CYS A 4 2.33 3.12 3.84
C CYS A 4 3.16 4.06 4.67
N PRO A 5 4.48 4.08 4.46
CA PRO A 5 5.38 4.92 5.25
C PRO A 5 5.20 6.41 4.96
N SER A 6 5.01 6.72 3.71
CA SER A 6 4.92 8.08 3.30
C SER A 6 3.55 8.37 2.69
N THR A 7 3.19 9.62 2.70
CA THR A 7 1.94 10.11 2.18
C THR A 7 1.86 9.90 0.68
N THR A 8 2.95 10.23 0.00
CA THR A 8 3.07 10.08 -1.42
C THR A 8 2.86 8.60 -1.79
N ALA A 9 3.43 7.70 -0.97
CA ALA A 9 3.24 6.27 -1.14
C ALA A 9 1.77 5.92 -1.12
N ARG A 10 1.02 6.47 -0.15
CA ARG A 10 -0.43 6.24 -0.06
C ARG A 10 -1.15 6.76 -1.29
N ASN A 11 -0.82 7.97 -1.70
CA ASN A 11 -1.47 8.61 -2.85
C ASN A 11 -1.27 7.79 -4.10
N ILE A 12 -0.04 7.36 -4.32
CA ILE A 12 0.31 6.52 -5.45
C ILE A 12 -0.34 5.15 -5.32
N TYR A 13 -0.28 4.59 -4.13
CA TYR A 13 -0.87 3.30 -3.82
C TYR A 13 -2.36 3.28 -4.10
N ASN A 14 -3.05 4.24 -3.52
CA ASN A 14 -4.49 4.33 -3.63
C ASN A 14 -4.94 4.51 -5.03
N THR A 15 -4.30 5.39 -5.79
CA THR A 15 -4.69 5.58 -7.19
C THR A 15 -4.38 4.35 -8.02
N CYS A 16 -3.28 3.68 -7.69
CA CYS A 16 -2.89 2.46 -8.36
C CYS A 16 -3.96 1.40 -8.17
N ARG A 17 -4.32 1.13 -6.93
CA ARG A 17 -5.26 0.07 -6.63
C ARG A 17 -6.70 0.50 -6.79
N PHE A 18 -6.92 1.78 -6.94
CA PHE A 18 -8.25 2.36 -7.14
C PHE A 18 -8.80 1.83 -8.43
N GLY A 19 -8.01 1.96 -9.47
CA GLY A 19 -8.41 1.47 -10.75
C GLY A 19 -8.11 0.00 -10.93
N GLY A 20 -6.90 -0.31 -11.33
CA GLY A 20 -6.54 -1.66 -11.60
C GLY A 20 -5.56 -2.21 -10.62
N GLY A 21 -4.83 -3.20 -11.02
CA GLY A 21 -3.82 -3.78 -10.21
C GLY A 21 -4.38 -4.64 -9.11
N SER A 22 -3.92 -4.41 -7.92
CA SER A 22 -4.31 -5.14 -6.75
C SER A 22 -3.72 -4.42 -5.56
N ARG A 23 -4.23 -4.67 -4.37
CA ARG A 23 -3.76 -3.98 -3.18
C ARG A 23 -2.31 -4.33 -2.93
N THR A 24 -2.01 -5.61 -2.97
CA THR A 24 -0.66 -6.10 -2.74
C THR A 24 0.27 -5.71 -3.87
N LEU A 25 -0.24 -5.76 -5.09
CA LEU A 25 0.51 -5.43 -6.28
C LEU A 25 0.91 -3.95 -6.27
N CYS A 26 -0.01 -3.14 -5.82
CA CYS A 26 0.22 -1.72 -5.74
C CYS A 26 1.06 -1.35 -4.54
N ALA A 27 0.84 -2.03 -3.42
CA ALA A 27 1.66 -1.83 -2.23
C ALA A 27 3.12 -2.09 -2.52
N LYS A 28 3.39 -3.16 -3.26
CA LYS A 28 4.76 -3.52 -3.63
C LYS A 28 5.39 -2.40 -4.47
N LEU A 29 4.57 -1.73 -5.25
CA LEU A 29 5.00 -0.64 -6.10
C LEU A 29 5.30 0.60 -5.27
N SER A 30 4.37 1.00 -4.45
CA SER A 30 4.49 2.23 -3.67
C SER A 30 5.47 2.09 -2.49
N GLY A 31 5.58 0.91 -1.95
CA GLY A 31 6.44 0.70 -0.79
C GLY A 31 5.61 0.43 0.44
N CYS A 32 4.33 0.24 0.23
CA CYS A 32 3.39 -0.04 1.28
C CYS A 32 3.42 -1.53 1.61
N LYS A 33 3.04 -1.86 2.81
CA LYS A 33 3.01 -3.24 3.25
C LYS A 33 1.57 -3.63 3.57
N ILE A 34 1.05 -4.60 2.87
CA ILE A 34 -0.30 -5.07 3.10
C ILE A 34 -0.29 -6.08 4.25
N VAL A 35 -0.80 -5.70 5.38
CA VAL A 35 -0.86 -6.56 6.53
C VAL A 35 -2.29 -6.73 7.00
N SER A 36 -2.57 -7.85 7.57
CA SER A 36 -3.86 -8.16 8.07
C SER A 36 -3.87 -8.07 9.60
N GLY A 37 -2.69 -8.10 10.18
CA GLY A 37 -2.56 -8.04 11.61
C GLY A 37 -2.40 -6.62 12.11
N THR A 38 -2.24 -6.49 13.39
CA THR A 38 -2.14 -5.20 14.04
C THR A 38 -0.69 -4.65 14.13
N THR A 39 0.28 -5.44 13.76
CA THR A 39 1.64 -4.99 13.79
C THR A 39 2.01 -4.41 12.43
N CYS A 40 2.65 -3.28 12.44
CA CYS A 40 3.01 -2.62 11.22
C CYS A 40 4.52 -2.74 10.98
N PRO A 41 4.94 -3.39 9.90
CA PRO A 41 6.35 -3.62 9.58
C PRO A 41 7.03 -2.40 8.93
N LYS A 42 8.28 -2.58 8.56
CA LYS A 42 9.10 -1.54 7.98
C LYS A 42 9.88 -2.16 6.84
N LYS A 1 -3.44 -4.05 7.17
CA LYS A 1 -3.07 -2.66 6.95
C LYS A 1 -2.02 -2.58 5.86
N SER A 2 -2.05 -1.53 5.10
CA SER A 2 -1.03 -1.27 4.14
C SER A 2 -0.04 -0.30 4.78
N CYS A 3 1.22 -0.59 4.70
CA CYS A 3 2.21 0.26 5.31
C CYS A 3 3.02 0.97 4.26
N CYS A 4 2.80 2.24 4.12
CA CYS A 4 3.54 3.03 3.19
C CYS A 4 4.40 4.00 3.97
N PRO A 5 5.65 4.23 3.54
CA PRO A 5 6.58 5.10 4.26
C PRO A 5 6.13 6.57 4.33
N SER A 6 5.52 7.05 3.28
CA SER A 6 5.13 8.43 3.22
C SER A 6 3.65 8.55 2.83
N THR A 7 3.12 9.76 2.93
CA THR A 7 1.79 10.05 2.49
C THR A 7 1.75 9.92 0.98
N THR A 8 2.82 10.37 0.35
CA THR A 8 3.00 10.32 -1.08
C THR A 8 2.85 8.86 -1.57
N ALA A 9 3.53 7.95 -0.87
CA ALA A 9 3.46 6.54 -1.19
C ALA A 9 2.02 6.03 -1.08
N ARG A 10 1.33 6.43 -0.01
CA ARG A 10 -0.08 6.04 0.18
C ARG A 10 -0.96 6.59 -0.92
N ASN A 11 -0.65 7.79 -1.37
CA ASN A 11 -1.44 8.45 -2.40
C ASN A 11 -1.38 7.69 -3.71
N ILE A 12 -0.18 7.36 -4.15
CA ILE A 12 0.01 6.58 -5.39
C ILE A 12 -0.57 5.19 -5.22
N TYR A 13 -0.35 4.60 -4.05
CA TYR A 13 -0.86 3.29 -3.71
C TYR A 13 -2.37 3.21 -3.88
N ASN A 14 -3.07 4.14 -3.24
CA ASN A 14 -4.51 4.12 -3.24
C ASN A 14 -5.09 4.31 -4.60
N THR A 15 -4.58 5.24 -5.38
CA THR A 15 -5.12 5.46 -6.71
C THR A 15 -4.77 4.34 -7.68
N CYS A 16 -3.76 3.57 -7.35
CA CYS A 16 -3.41 2.41 -8.13
C CYS A 16 -4.46 1.33 -7.91
N ARG A 17 -4.69 1.00 -6.65
CA ARG A 17 -5.60 -0.07 -6.29
C ARG A 17 -7.06 0.35 -6.37
N PHE A 18 -7.26 1.64 -6.49
CA PHE A 18 -8.59 2.23 -6.61
C PHE A 18 -9.20 1.81 -7.94
N GLY A 19 -8.37 1.82 -8.97
CA GLY A 19 -8.80 1.41 -10.28
C GLY A 19 -8.71 -0.09 -10.44
N GLY A 20 -7.60 -0.56 -10.97
CA GLY A 20 -7.42 -1.97 -11.19
C GLY A 20 -6.38 -2.56 -10.28
N GLY A 21 -5.82 -3.67 -10.70
CA GLY A 21 -4.75 -4.31 -9.96
C GLY A 21 -5.25 -4.99 -8.71
N SER A 22 -4.51 -4.84 -7.66
CA SER A 22 -4.81 -5.42 -6.39
C SER A 22 -4.04 -4.63 -5.38
N ARG A 23 -4.32 -4.82 -4.10
CA ARG A 23 -3.67 -4.03 -3.07
C ARG A 23 -2.20 -4.36 -3.01
N THR A 24 -1.89 -5.61 -3.11
CA THR A 24 -0.53 -6.11 -3.07
C THR A 24 0.30 -5.59 -4.26
N LEU A 25 -0.26 -5.72 -5.46
CA LEU A 25 0.40 -5.28 -6.69
C LEU A 25 0.72 -3.78 -6.62
N CYS A 26 -0.21 -3.04 -6.07
CA CYS A 26 -0.05 -1.62 -5.94
C CYS A 26 0.88 -1.24 -4.81
N ALA A 27 0.86 -2.02 -3.74
CA ALA A 27 1.78 -1.83 -2.64
C ALA A 27 3.18 -2.04 -3.11
N LYS A 28 3.39 -3.11 -3.85
CA LYS A 28 4.68 -3.45 -4.42
C LYS A 28 5.18 -2.29 -5.32
N LEU A 29 4.27 -1.69 -6.05
CA LEU A 29 4.58 -0.58 -6.93
C LEU A 29 4.98 0.67 -6.13
N SER A 30 4.26 0.92 -5.08
CA SER A 30 4.45 2.14 -4.30
C SER A 30 5.50 1.99 -3.19
N GLY A 31 5.99 0.77 -2.99
CA GLY A 31 6.97 0.54 -1.94
C GLY A 31 6.30 0.41 -0.60
N CYS A 32 5.09 -0.08 -0.62
CA CYS A 32 4.28 -0.26 0.55
C CYS A 32 4.24 -1.72 0.91
N LYS A 33 3.98 -2.01 2.16
CA LYS A 33 3.90 -3.38 2.64
C LYS A 33 2.47 -3.71 3.00
N ILE A 34 1.90 -4.71 2.38
CA ILE A 34 0.59 -5.17 2.77
C ILE A 34 0.78 -6.12 3.93
N VAL A 35 0.52 -5.67 5.12
CA VAL A 35 0.64 -6.53 6.26
C VAL A 35 -0.72 -7.08 6.62
N SER A 36 -0.75 -8.29 7.08
CA SER A 36 -1.99 -8.97 7.42
C SER A 36 -2.59 -8.39 8.70
N GLY A 37 -1.74 -7.84 9.53
CA GLY A 37 -2.19 -7.26 10.76
C GLY A 37 -2.87 -5.93 10.54
N THR A 38 -3.73 -5.57 11.47
CA THR A 38 -4.43 -4.32 11.46
C THR A 38 -3.44 -3.20 11.83
N THR A 39 -2.43 -3.58 12.55
CA THR A 39 -1.38 -2.71 12.96
C THR A 39 -0.15 -3.02 12.10
N CYS A 40 0.86 -2.21 12.19
CA CYS A 40 2.02 -2.44 11.39
C CYS A 40 3.24 -2.64 12.28
N PRO A 41 3.94 -3.76 12.14
CA PRO A 41 5.15 -4.04 12.91
C PRO A 41 6.33 -3.20 12.39
N LYS A 42 7.42 -3.22 13.10
CA LYS A 42 8.58 -2.48 12.69
C LYS A 42 9.70 -3.44 12.38
N LYS A 1 -4.57 -3.76 7.07
CA LYS A 1 -3.85 -2.53 7.31
C LYS A 1 -2.71 -2.40 6.29
N SER A 2 -2.79 -1.46 5.42
CA SER A 2 -1.73 -1.22 4.51
C SER A 2 -0.82 -0.11 5.04
N CYS A 3 0.36 -0.48 5.47
CA CYS A 3 1.29 0.48 6.05
C CYS A 3 2.24 0.94 4.97
N CYS A 4 2.39 2.21 4.81
CA CYS A 4 3.26 2.70 3.77
C CYS A 4 4.27 3.70 4.35
N PRO A 5 5.48 3.82 3.72
CA PRO A 5 6.56 4.71 4.20
C PRO A 5 6.15 6.18 4.27
N SER A 6 5.32 6.62 3.37
CA SER A 6 4.95 8.01 3.32
C SER A 6 3.49 8.16 2.90
N THR A 7 2.97 9.36 3.06
CA THR A 7 1.63 9.70 2.62
C THR A 7 1.62 9.63 1.09
N THR A 8 2.73 10.06 0.48
CA THR A 8 2.92 10.00 -0.95
C THR A 8 2.79 8.56 -1.45
N ALA A 9 3.46 7.65 -0.77
CA ALA A 9 3.40 6.24 -1.12
C ALA A 9 1.97 5.71 -1.00
N ARG A 10 1.30 6.01 0.13
CA ARG A 10 -0.13 5.67 0.30
C ARG A 10 -1.00 6.22 -0.83
N ASN A 11 -0.79 7.47 -1.17
CA ASN A 11 -1.56 8.13 -2.24
C ASN A 11 -1.44 7.39 -3.55
N ILE A 12 -0.20 7.14 -3.98
CA ILE A 12 0.06 6.40 -5.22
C ILE A 12 -0.52 4.99 -5.13
N TYR A 13 -0.35 4.35 -3.97
CA TYR A 13 -0.90 3.04 -3.72
C TYR A 13 -2.41 3.00 -3.92
N ASN A 14 -3.12 3.84 -3.20
CA ASN A 14 -4.56 3.84 -3.25
C ASN A 14 -5.08 4.19 -4.61
N THR A 15 -4.46 5.13 -5.28
CA THR A 15 -4.91 5.50 -6.61
C THR A 15 -4.57 4.46 -7.66
N CYS A 16 -3.53 3.68 -7.40
CA CYS A 16 -3.17 2.59 -8.27
C CYS A 16 -4.22 1.49 -8.18
N ARG A 17 -4.50 1.04 -6.96
CA ARG A 17 -5.44 -0.04 -6.75
C ARG A 17 -6.89 0.43 -6.88
N PHE A 18 -7.04 1.74 -6.93
CA PHE A 18 -8.33 2.38 -7.15
C PHE A 18 -8.75 2.08 -8.57
N GLY A 19 -7.77 2.10 -9.46
CA GLY A 19 -7.99 1.78 -10.83
C GLY A 19 -7.78 0.29 -11.08
N GLY A 20 -6.67 -0.04 -11.69
CA GLY A 20 -6.39 -1.42 -12.01
C GLY A 20 -5.23 -1.97 -11.20
N GLY A 21 -5.24 -3.26 -10.98
CA GLY A 21 -4.20 -3.88 -10.20
C GLY A 21 -4.71 -4.26 -8.82
N SER A 22 -4.10 -5.24 -8.22
CA SER A 22 -4.49 -5.67 -6.92
C SER A 22 -3.78 -4.85 -5.85
N ARG A 23 -4.22 -4.99 -4.59
CA ARG A 23 -3.69 -4.19 -3.51
C ARG A 23 -2.22 -4.47 -3.29
N THR A 24 -1.83 -5.73 -3.38
CA THR A 24 -0.46 -6.10 -3.17
C THR A 24 0.40 -5.73 -4.37
N LEU A 25 -0.19 -5.77 -5.55
CA LEU A 25 0.51 -5.39 -6.77
C LEU A 25 0.88 -3.92 -6.71
N CYS A 26 -0.06 -3.13 -6.29
CA CYS A 26 0.15 -1.70 -6.20
C CYS A 26 1.00 -1.34 -5.00
N ALA A 27 0.82 -2.08 -3.90
CA ALA A 27 1.60 -1.86 -2.71
C ALA A 27 3.07 -2.15 -2.97
N LYS A 28 3.32 -3.16 -3.80
CA LYS A 28 4.65 -3.58 -4.17
C LYS A 28 5.36 -2.44 -4.91
N LEU A 29 4.59 -1.66 -5.63
CA LEU A 29 5.09 -0.55 -6.41
C LEU A 29 5.37 0.67 -5.53
N SER A 30 4.40 1.03 -4.72
CA SER A 30 4.49 2.22 -3.88
C SER A 30 5.42 2.01 -2.68
N GLY A 31 5.54 0.78 -2.24
CA GLY A 31 6.36 0.46 -1.10
C GLY A 31 5.53 0.20 0.12
N CYS A 32 4.26 -0.03 -0.09
CA CYS A 32 3.35 -0.29 1.01
C CYS A 32 3.47 -1.75 1.43
N LYS A 33 3.24 -1.97 2.69
CA LYS A 33 3.25 -3.28 3.26
C LYS A 33 1.82 -3.66 3.61
N ILE A 34 1.30 -4.62 2.89
CA ILE A 34 -0.04 -5.10 3.09
C ILE A 34 -0.04 -6.11 4.22
N VAL A 35 -0.48 -5.68 5.37
CA VAL A 35 -0.57 -6.55 6.52
C VAL A 35 -2.00 -6.59 7.02
N SER A 36 -2.29 -7.48 7.92
CA SER A 36 -3.63 -7.63 8.42
C SER A 36 -4.02 -6.47 9.35
N GLY A 37 -3.16 -6.14 10.29
CA GLY A 37 -3.47 -5.06 11.20
C GLY A 37 -3.01 -5.32 12.61
N THR A 38 -2.69 -6.57 12.91
CA THR A 38 -2.20 -6.92 14.24
C THR A 38 -0.77 -6.40 14.41
N THR A 39 -0.10 -6.19 13.31
CA THR A 39 1.22 -5.67 13.27
C THR A 39 1.28 -4.59 12.21
N CYS A 40 2.36 -3.89 12.17
CA CYS A 40 2.61 -2.86 11.18
C CYS A 40 4.10 -2.53 11.21
N PRO A 41 4.83 -2.95 10.18
CA PRO A 41 6.28 -2.72 10.11
C PRO A 41 6.61 -1.29 9.67
N LYS A 42 7.87 -1.02 9.46
CA LYS A 42 8.30 0.28 9.03
C LYS A 42 8.73 0.25 7.57
N LYS A 1 -4.53 -3.56 6.82
CA LYS A 1 -4.05 -2.24 6.46
C LYS A 1 -2.82 -2.37 5.57
N SER A 2 -2.67 -1.44 4.70
CA SER A 2 -1.54 -1.38 3.86
C SER A 2 -0.55 -0.41 4.47
N CYS A 3 0.59 -0.91 4.81
CA CYS A 3 1.58 -0.13 5.49
C CYS A 3 2.51 0.50 4.49
N CYS A 4 2.42 1.79 4.39
CA CYS A 4 3.20 2.54 3.48
C CYS A 4 4.20 3.41 4.24
N PRO A 5 5.41 3.59 3.68
CA PRO A 5 6.47 4.40 4.30
C PRO A 5 6.15 5.91 4.38
N SER A 6 5.22 6.39 3.56
CA SER A 6 4.87 7.79 3.55
C SER A 6 3.45 8.00 3.04
N THR A 7 2.99 9.25 3.08
CA THR A 7 1.68 9.60 2.58
C THR A 7 1.69 9.50 1.06
N THR A 8 2.77 9.97 0.46
CA THR A 8 2.92 9.92 -0.98
C THR A 8 2.95 8.46 -1.47
N ALA A 9 3.51 7.56 -0.65
CA ALA A 9 3.49 6.15 -0.98
C ALA A 9 2.03 5.68 -1.00
N ARG A 10 1.27 6.07 0.04
CA ARG A 10 -0.17 5.77 0.13
C ARG A 10 -0.92 6.35 -1.07
N ASN A 11 -0.56 7.57 -1.44
CA ASN A 11 -1.15 8.28 -2.59
C ASN A 11 -1.03 7.46 -3.88
N ILE A 12 0.21 7.12 -4.24
CA ILE A 12 0.47 6.32 -5.46
C ILE A 12 -0.16 4.94 -5.34
N TYR A 13 -0.04 4.35 -4.17
CA TYR A 13 -0.62 3.06 -3.88
C TYR A 13 -2.13 3.06 -4.09
N ASN A 14 -2.81 3.97 -3.41
CA ASN A 14 -4.26 4.04 -3.43
C ASN A 14 -4.78 4.32 -4.78
N THR A 15 -4.19 5.27 -5.48
CA THR A 15 -4.67 5.59 -6.81
C THR A 15 -4.47 4.43 -7.79
N CYS A 16 -3.35 3.73 -7.63
CA CYS A 16 -3.05 2.56 -8.43
C CYS A 16 -4.15 1.52 -8.27
N ARG A 17 -4.46 1.17 -7.02
CA ARG A 17 -5.44 0.14 -6.71
C ARG A 17 -6.87 0.65 -6.76
N PHE A 18 -7.01 1.94 -6.90
CA PHE A 18 -8.30 2.59 -7.06
C PHE A 18 -8.77 2.29 -8.47
N GLY A 19 -7.84 2.37 -9.39
CA GLY A 19 -8.12 2.06 -10.75
C GLY A 19 -8.18 0.57 -11.01
N GLY A 20 -7.07 0.02 -11.40
CA GLY A 20 -6.99 -1.37 -11.72
C GLY A 20 -6.14 -2.13 -10.75
N GLY A 21 -5.62 -3.24 -11.22
CA GLY A 21 -4.70 -4.04 -10.45
C GLY A 21 -5.34 -4.66 -9.24
N SER A 22 -4.61 -4.62 -8.16
CA SER A 22 -5.01 -5.18 -6.90
C SER A 22 -4.19 -4.48 -5.83
N ARG A 23 -4.59 -4.63 -4.57
CA ARG A 23 -3.90 -3.95 -3.47
C ARG A 23 -2.44 -4.39 -3.39
N THR A 24 -2.21 -5.68 -3.45
CA THR A 24 -0.88 -6.27 -3.35
C THR A 24 0.05 -5.83 -4.48
N LEU A 25 -0.48 -5.87 -5.69
CA LEU A 25 0.25 -5.47 -6.89
C LEU A 25 0.70 -4.01 -6.78
N CYS A 26 -0.19 -3.19 -6.29
CA CYS A 26 0.07 -1.77 -6.15
C CYS A 26 0.93 -1.48 -4.94
N ALA A 27 0.83 -2.32 -3.93
CA ALA A 27 1.65 -2.22 -2.74
C ALA A 27 3.12 -2.33 -3.07
N LYS A 28 3.51 -3.38 -3.77
CA LYS A 28 4.91 -3.60 -4.11
C LYS A 28 5.46 -2.44 -4.96
N LEU A 29 4.60 -1.92 -5.82
CA LEU A 29 4.93 -0.83 -6.72
C LEU A 29 5.32 0.44 -5.96
N SER A 30 4.61 0.70 -4.89
CA SER A 30 4.83 1.88 -4.08
C SER A 30 5.82 1.63 -2.93
N GLY A 31 5.83 0.41 -2.44
CA GLY A 31 6.69 0.05 -1.34
C GLY A 31 5.90 -0.24 -0.09
N CYS A 32 4.61 -0.39 -0.28
CA CYS A 32 3.69 -0.65 0.80
C CYS A 32 3.56 -2.15 1.04
N LYS A 33 3.19 -2.52 2.24
CA LYS A 33 2.98 -3.91 2.62
C LYS A 33 1.52 -4.14 2.97
N ILE A 34 0.94 -5.18 2.43
CA ILE A 34 -0.46 -5.51 2.67
C ILE A 34 -0.53 -6.51 3.83
N VAL A 35 -0.87 -6.06 5.01
CA VAL A 35 -0.91 -6.93 6.17
C VAL A 35 -2.14 -6.64 7.04
N SER A 36 -2.29 -7.37 8.12
CA SER A 36 -3.35 -7.17 9.07
C SER A 36 -3.18 -5.79 9.74
N GLY A 37 -2.13 -5.64 10.53
CA GLY A 37 -1.92 -4.41 11.23
C GLY A 37 -1.09 -4.66 12.46
N THR A 38 -1.25 -5.82 13.01
CA THR A 38 -0.52 -6.27 14.16
C THR A 38 0.97 -6.47 13.81
N THR A 39 1.19 -7.00 12.64
CA THR A 39 2.49 -7.27 12.10
C THR A 39 3.02 -6.06 11.33
N CYS A 40 2.45 -4.94 11.60
CA CYS A 40 2.79 -3.73 10.93
C CYS A 40 3.45 -2.76 11.89
N PRO A 41 4.62 -2.24 11.54
CA PRO A 41 5.30 -1.23 12.33
C PRO A 41 4.70 0.14 12.05
N LYS A 42 5.10 1.12 12.80
CA LYS A 42 4.62 2.45 12.58
C LYS A 42 5.58 3.41 13.25
N LYS A 1 -3.52 -3.81 7.36
CA LYS A 1 -3.23 -2.42 7.21
C LYS A 1 -2.06 -2.31 6.25
N SER A 2 -2.01 -1.27 5.49
CA SER A 2 -0.95 -1.09 4.56
C SER A 2 0.05 -0.10 5.12
N CYS A 3 1.29 -0.49 5.15
CA CYS A 3 2.34 0.32 5.70
C CYS A 3 3.14 0.98 4.58
N CYS A 4 3.03 2.27 4.47
CA CYS A 4 3.73 3.04 3.47
C CYS A 4 4.69 4.00 4.15
N PRO A 5 5.89 4.19 3.58
CA PRO A 5 6.92 5.05 4.17
C PRO A 5 6.58 6.55 4.15
N SER A 6 5.72 6.96 3.23
CA SER A 6 5.39 8.37 3.10
C SER A 6 3.90 8.52 2.71
N THR A 7 3.41 9.75 2.74
CA THR A 7 2.04 10.06 2.42
C THR A 7 1.77 9.90 0.92
N THR A 8 2.72 10.34 0.11
CA THR A 8 2.61 10.22 -1.32
C THR A 8 2.58 8.73 -1.71
N ALA A 9 3.42 7.94 -1.04
CA ALA A 9 3.44 6.49 -1.21
C ALA A 9 2.05 5.91 -0.95
N ARG A 10 1.41 6.35 0.14
CA ARG A 10 0.03 5.94 0.45
C ARG A 10 -0.94 6.35 -0.66
N ASN A 11 -0.83 7.57 -1.12
CA ASN A 11 -1.73 8.09 -2.14
C ASN A 11 -1.55 7.38 -3.46
N ILE A 12 -0.30 7.16 -3.87
CA ILE A 12 0.02 6.41 -5.08
C ILE A 12 -0.54 5.00 -4.95
N TYR A 13 -0.27 4.39 -3.81
CA TYR A 13 -0.76 3.06 -3.51
C TYR A 13 -2.27 2.97 -3.63
N ASN A 14 -2.98 3.78 -2.88
CA ASN A 14 -4.42 3.71 -2.85
C ASN A 14 -5.05 4.02 -4.18
N THR A 15 -4.50 4.98 -4.91
CA THR A 15 -5.05 5.30 -6.22
C THR A 15 -4.73 4.21 -7.24
N CYS A 16 -3.58 3.57 -7.08
CA CYS A 16 -3.20 2.48 -7.94
C CYS A 16 -4.17 1.33 -7.79
N ARG A 17 -4.43 0.91 -6.56
CA ARG A 17 -5.30 -0.23 -6.32
C ARG A 17 -6.78 0.15 -6.34
N PHE A 18 -7.04 1.43 -6.42
CA PHE A 18 -8.40 1.95 -6.49
C PHE A 18 -9.02 1.51 -7.81
N GLY A 19 -8.40 1.95 -8.89
CA GLY A 19 -8.86 1.55 -10.21
C GLY A 19 -7.97 0.47 -10.79
N GLY A 20 -7.15 -0.09 -9.95
CA GLY A 20 -6.20 -1.09 -10.34
C GLY A 20 -6.53 -2.43 -9.78
N GLY A 21 -5.51 -3.26 -9.69
CA GLY A 21 -5.66 -4.61 -9.23
C GLY A 21 -5.52 -4.80 -7.76
N SER A 22 -4.80 -5.84 -7.41
CA SER A 22 -4.59 -6.27 -6.05
C SER A 22 -3.79 -5.24 -5.24
N ARG A 23 -4.09 -5.17 -3.96
CA ARG A 23 -3.47 -4.19 -3.08
C ARG A 23 -1.97 -4.37 -2.99
N THR A 24 -1.49 -5.60 -2.84
CA THR A 24 -0.06 -5.81 -2.70
C THR A 24 0.68 -5.64 -4.04
N LEU A 25 -0.04 -5.80 -5.15
CA LEU A 25 0.56 -5.60 -6.45
C LEU A 25 0.82 -4.11 -6.66
N CYS A 26 -0.12 -3.31 -6.26
CA CYS A 26 0.06 -1.86 -6.27
C CYS A 26 1.00 -1.37 -5.18
N ALA A 27 1.01 -2.07 -4.05
CA ALA A 27 1.90 -1.71 -2.94
C ALA A 27 3.34 -1.91 -3.35
N LYS A 28 3.54 -2.90 -4.21
CA LYS A 28 4.83 -3.23 -4.80
C LYS A 28 5.39 -2.06 -5.62
N LEU A 29 4.50 -1.20 -6.10
CA LEU A 29 4.86 -0.05 -6.89
C LEU A 29 5.24 1.12 -5.99
N SER A 30 4.42 1.37 -5.00
CA SER A 30 4.62 2.49 -4.11
C SER A 30 5.73 2.23 -3.07
N GLY A 31 5.90 0.98 -2.70
CA GLY A 31 6.86 0.63 -1.70
C GLY A 31 6.18 0.40 -0.37
N CYS A 32 4.95 -0.02 -0.44
CA CYS A 32 4.15 -0.23 0.75
C CYS A 32 4.13 -1.70 1.10
N LYS A 33 4.07 -1.99 2.36
CA LYS A 33 4.00 -3.35 2.83
C LYS A 33 2.57 -3.65 3.20
N ILE A 34 2.03 -4.67 2.62
CA ILE A 34 0.68 -5.10 2.91
C ILE A 34 0.73 -6.16 3.99
N VAL A 35 0.16 -5.87 5.13
CA VAL A 35 0.06 -6.85 6.18
C VAL A 35 -1.39 -7.05 6.53
N SER A 36 -1.84 -8.27 6.42
CA SER A 36 -3.21 -8.58 6.68
C SER A 36 -3.43 -8.71 8.20
N GLY A 37 -3.58 -7.57 8.81
CA GLY A 37 -3.80 -7.44 10.20
C GLY A 37 -3.97 -5.99 10.53
N THR A 38 -4.42 -5.67 11.72
CA THR A 38 -4.62 -4.28 12.09
C THR A 38 -3.31 -3.66 12.61
N THR A 39 -2.30 -4.47 12.68
CA THR A 39 -1.01 -4.06 13.09
C THR A 39 -0.21 -3.59 11.88
N CYS A 40 0.89 -2.95 12.12
CA CYS A 40 1.73 -2.42 11.08
C CYS A 40 3.16 -2.34 11.56
N PRO A 41 4.03 -3.22 11.08
CA PRO A 41 5.44 -3.20 11.44
C PRO A 41 6.21 -2.23 10.51
N LYS A 42 7.50 -2.13 10.69
CA LYS A 42 8.31 -1.26 9.86
C LYS A 42 8.76 -1.98 8.58
N LYS A 1 -4.44 -3.57 6.91
CA LYS A 1 -4.03 -2.18 6.76
C LYS A 1 -2.80 -2.11 5.88
N SER A 2 -2.63 -1.03 5.19
CA SER A 2 -1.50 -0.82 4.38
C SER A 2 -0.52 0.12 5.08
N CYS A 3 0.72 -0.28 5.15
CA CYS A 3 1.75 0.53 5.76
C CYS A 3 2.62 1.16 4.70
N CYS A 4 2.45 2.42 4.48
CA CYS A 4 3.21 3.17 3.49
C CYS A 4 4.29 4.00 4.16
N PRO A 5 5.46 4.13 3.50
CA PRO A 5 6.60 4.88 4.04
C PRO A 5 6.34 6.38 4.16
N SER A 6 5.52 6.90 3.28
CA SER A 6 5.20 8.29 3.26
C SER A 6 3.79 8.50 2.72
N THR A 7 3.25 9.69 2.91
CA THR A 7 1.91 10.06 2.47
C THR A 7 1.78 9.94 0.94
N THR A 8 2.82 10.34 0.21
CA THR A 8 2.80 10.27 -1.23
C THR A 8 2.69 8.83 -1.70
N ALA A 9 3.31 7.93 -0.95
CA ALA A 9 3.26 6.51 -1.26
C ALA A 9 1.84 6.02 -1.16
N ARG A 10 1.13 6.49 -0.12
CA ARG A 10 -0.28 6.17 0.06
C ARG A 10 -1.09 6.66 -1.14
N ASN A 11 -0.79 7.85 -1.61
CA ASN A 11 -1.51 8.43 -2.75
C ASN A 11 -1.31 7.58 -3.98
N ILE A 12 -0.05 7.26 -4.26
CA ILE A 12 0.32 6.43 -5.42
C ILE A 12 -0.34 5.07 -5.30
N TYR A 13 -0.20 4.46 -4.14
CA TYR A 13 -0.78 3.19 -3.83
C TYR A 13 -2.29 3.16 -4.04
N ASN A 14 -2.99 4.06 -3.39
CA ASN A 14 -4.45 4.06 -3.46
C ASN A 14 -4.94 4.32 -4.85
N THR A 15 -4.32 5.25 -5.59
CA THR A 15 -4.76 5.53 -6.95
C THR A 15 -4.49 4.36 -7.89
N CYS A 16 -3.41 3.64 -7.63
CA CYS A 16 -3.05 2.48 -8.42
C CYS A 16 -4.10 1.40 -8.26
N ARG A 17 -4.38 1.03 -7.02
CA ARG A 17 -5.30 -0.06 -6.74
C ARG A 17 -6.75 0.37 -6.84
N PHE A 18 -6.95 1.67 -6.95
CA PHE A 18 -8.27 2.26 -7.11
C PHE A 18 -8.81 1.85 -8.46
N GLY A 19 -7.94 1.97 -9.44
CA GLY A 19 -8.26 1.57 -10.78
C GLY A 19 -8.07 0.09 -11.01
N GLY A 20 -6.94 -0.29 -11.57
CA GLY A 20 -6.70 -1.67 -11.87
C GLY A 20 -5.60 -2.27 -11.03
N GLY A 21 -5.68 -3.53 -10.79
CA GLY A 21 -4.67 -4.20 -10.02
C GLY A 21 -5.16 -4.52 -8.63
N SER A 22 -4.36 -5.24 -7.91
CA SER A 22 -4.71 -5.64 -6.57
C SER A 22 -3.97 -4.76 -5.56
N ARG A 23 -4.35 -4.88 -4.29
CA ARG A 23 -3.77 -4.07 -3.25
C ARG A 23 -2.27 -4.33 -3.09
N THR A 24 -1.87 -5.59 -3.10
CA THR A 24 -0.48 -5.93 -2.91
C THR A 24 0.38 -5.50 -4.09
N LEU A 25 -0.16 -5.63 -5.29
CA LEU A 25 0.53 -5.26 -6.51
C LEU A 25 0.89 -3.78 -6.49
N CYS A 26 -0.02 -2.99 -6.01
CA CYS A 26 0.17 -1.57 -5.95
C CYS A 26 0.91 -1.15 -4.69
N ALA A 27 0.77 -1.93 -3.64
CA ALA A 27 1.48 -1.66 -2.41
C ALA A 27 2.96 -1.90 -2.60
N LYS A 28 3.29 -3.04 -3.18
CA LYS A 28 4.68 -3.44 -3.39
C LYS A 28 5.37 -2.47 -4.38
N LEU A 29 4.54 -1.81 -5.17
CA LEU A 29 4.98 -0.81 -6.14
C LEU A 29 5.33 0.48 -5.38
N SER A 30 4.46 0.85 -4.46
CA SER A 30 4.58 2.12 -3.75
C SER A 30 5.43 2.00 -2.47
N GLY A 31 5.86 0.80 -2.16
CA GLY A 31 6.67 0.58 -0.98
C GLY A 31 5.82 0.37 0.26
N CYS A 32 4.58 0.07 0.05
CA CYS A 32 3.64 -0.13 1.12
C CYS A 32 3.52 -1.62 1.41
N LYS A 33 3.31 -1.97 2.65
CA LYS A 33 3.07 -3.35 3.02
C LYS A 33 1.61 -3.55 3.35
N ILE A 34 1.00 -4.56 2.80
CA ILE A 34 -0.34 -4.90 3.12
C ILE A 34 -0.29 -5.86 4.31
N VAL A 35 -0.57 -5.35 5.47
CA VAL A 35 -0.51 -6.17 6.65
C VAL A 35 -1.90 -6.49 7.15
N SER A 36 -2.20 -7.75 7.20
CA SER A 36 -3.47 -8.21 7.67
C SER A 36 -3.31 -8.66 9.10
N GLY A 37 -3.41 -7.72 10.01
CA GLY A 37 -3.25 -7.99 11.40
C GLY A 37 -3.04 -6.71 12.16
N THR A 38 -2.78 -6.81 13.42
CA THR A 38 -2.60 -5.64 14.24
C THR A 38 -1.14 -5.18 14.26
N THR A 39 -0.27 -5.93 13.62
CA THR A 39 1.13 -5.58 13.58
C THR A 39 1.48 -4.90 12.25
N CYS A 40 2.49 -4.09 12.30
CA CYS A 40 3.02 -3.40 11.15
C CYS A 40 4.50 -3.20 11.37
N PRO A 41 5.36 -3.72 10.48
CA PRO A 41 6.82 -3.63 10.63
C PRO A 41 7.38 -2.33 10.09
N LYS A 42 6.47 -1.46 9.72
CA LYS A 42 6.76 -0.16 9.13
C LYS A 42 7.48 -0.34 7.79
N LYS A 1 -4.55 -2.28 7.42
CA LYS A 1 -4.43 -1.47 6.22
C LYS A 1 -3.09 -1.77 5.57
N SER A 2 -2.75 -0.99 4.58
CA SER A 2 -1.49 -1.09 3.95
C SER A 2 -0.53 -0.16 4.69
N CYS A 3 0.57 -0.68 5.13
CA CYS A 3 1.52 0.11 5.84
C CYS A 3 2.50 0.72 4.86
N CYS A 4 2.33 1.98 4.64
CA CYS A 4 3.14 2.72 3.71
C CYS A 4 4.10 3.62 4.47
N PRO A 5 5.35 3.72 4.02
CA PRO A 5 6.37 4.51 4.71
C PRO A 5 6.15 6.02 4.61
N SER A 6 5.27 6.43 3.72
CA SER A 6 5.01 7.83 3.52
C SER A 6 3.58 8.04 3.03
N THR A 7 3.14 9.27 3.05
CA THR A 7 1.81 9.65 2.66
C THR A 7 1.67 9.57 1.15
N THR A 8 2.69 10.02 0.42
CA THR A 8 2.69 9.95 -1.01
C THR A 8 2.74 8.49 -1.46
N ALA A 9 3.36 7.63 -0.65
CA ALA A 9 3.36 6.21 -0.91
C ALA A 9 1.92 5.70 -0.88
N ARG A 10 1.16 6.10 0.15
CA ARG A 10 -0.26 5.75 0.26
C ARG A 10 -1.04 6.33 -0.91
N ASN A 11 -0.73 7.57 -1.24
CA ASN A 11 -1.34 8.30 -2.37
C ASN A 11 -1.21 7.49 -3.66
N ILE A 12 0.02 7.11 -4.00
CA ILE A 12 0.32 6.33 -5.20
C ILE A 12 -0.35 4.96 -5.10
N TYR A 13 -0.18 4.33 -3.95
CA TYR A 13 -0.73 3.02 -3.67
C TYR A 13 -2.24 2.98 -3.87
N ASN A 14 -2.93 3.87 -3.17
CA ASN A 14 -4.37 3.90 -3.18
C ASN A 14 -4.91 4.17 -4.53
N THR A 15 -4.33 5.11 -5.26
CA THR A 15 -4.81 5.42 -6.59
C THR A 15 -4.57 4.27 -7.54
N CYS A 16 -3.43 3.61 -7.37
CA CYS A 16 -3.10 2.45 -8.16
C CYS A 16 -4.15 1.37 -8.01
N ARG A 17 -4.43 0.98 -6.77
CA ARG A 17 -5.34 -0.10 -6.49
C ARG A 17 -6.80 0.33 -6.51
N PHE A 18 -6.99 1.63 -6.59
CA PHE A 18 -8.32 2.23 -6.66
C PHE A 18 -8.95 1.83 -7.96
N GLY A 19 -8.18 1.97 -9.02
CA GLY A 19 -8.61 1.54 -10.32
C GLY A 19 -8.47 0.05 -10.50
N GLY A 20 -7.44 -0.39 -11.17
CA GLY A 20 -7.24 -1.79 -11.39
C GLY A 20 -6.02 -2.29 -10.64
N GLY A 21 -5.79 -3.57 -10.68
CA GLY A 21 -4.63 -4.10 -10.03
C GLY A 21 -4.98 -4.95 -8.86
N SER A 22 -4.19 -4.87 -7.84
CA SER A 22 -4.37 -5.59 -6.62
C SER A 22 -3.65 -4.82 -5.54
N ARG A 23 -3.98 -5.07 -4.30
CA ARG A 23 -3.40 -4.35 -3.18
C ARG A 23 -1.88 -4.53 -3.14
N THR A 24 -1.45 -5.77 -3.18
CA THR A 24 -0.03 -6.12 -3.14
C THR A 24 0.70 -5.64 -4.41
N LEU A 25 0.01 -5.76 -5.54
CA LEU A 25 0.54 -5.36 -6.86
C LEU A 25 0.84 -3.86 -6.85
N CYS A 26 0.03 -3.11 -6.16
CA CYS A 26 0.21 -1.69 -6.06
C CYS A 26 1.14 -1.33 -4.93
N ALA A 27 1.09 -2.10 -3.86
CA ALA A 27 1.98 -1.89 -2.71
C ALA A 27 3.43 -2.10 -3.11
N LYS A 28 3.63 -2.99 -4.08
CA LYS A 28 4.96 -3.27 -4.60
C LYS A 28 5.57 -2.03 -5.26
N LEU A 29 4.73 -1.19 -5.81
CA LEU A 29 5.14 0.01 -6.50
C LEU A 29 5.49 1.11 -5.51
N SER A 30 4.61 1.34 -4.57
CA SER A 30 4.79 2.40 -3.60
C SER A 30 5.74 2.00 -2.46
N GLY A 31 5.91 0.71 -2.26
CA GLY A 31 6.76 0.21 -1.22
C GLY A 31 5.99 0.03 0.06
N CYS A 32 4.74 -0.32 -0.08
CA CYS A 32 3.86 -0.49 1.04
C CYS A 32 3.77 -1.95 1.42
N LYS A 33 3.45 -2.21 2.65
CA LYS A 33 3.34 -3.55 3.17
C LYS A 33 1.90 -3.87 3.47
N ILE A 34 1.38 -4.86 2.78
CA ILE A 34 0.01 -5.28 3.00
C ILE A 34 -0.02 -6.22 4.19
N VAL A 35 -0.58 -5.78 5.27
CA VAL A 35 -0.70 -6.59 6.44
C VAL A 35 -2.16 -6.72 6.82
N SER A 36 -2.45 -7.51 7.81
CA SER A 36 -3.82 -7.66 8.23
C SER A 36 -4.22 -6.56 9.20
N GLY A 37 -3.26 -5.99 9.87
CA GLY A 37 -3.55 -4.92 10.79
C GLY A 37 -3.24 -5.32 12.21
N THR A 38 -2.79 -6.54 12.37
CA THR A 38 -2.40 -7.06 13.65
C THR A 38 -1.07 -6.41 14.02
N THR A 39 -0.28 -6.18 13.01
CA THR A 39 1.00 -5.57 13.10
C THR A 39 1.08 -4.54 12.00
N CYS A 40 2.06 -3.69 12.04
CA CYS A 40 2.26 -2.71 11.01
C CYS A 40 3.72 -2.31 11.00
N PRO A 41 4.50 -2.84 10.06
CA PRO A 41 5.92 -2.54 9.96
C PRO A 41 6.19 -1.29 9.11
N LYS A 42 7.27 -0.63 9.39
CA LYS A 42 7.68 0.53 8.67
C LYS A 42 9.16 0.43 8.41
N LYS A 1 -4.24 -4.30 7.14
CA LYS A 1 -4.04 -2.90 6.75
C LYS A 1 -2.81 -2.81 5.86
N SER A 2 -2.71 -1.76 5.09
CA SER A 2 -1.55 -1.52 4.29
C SER A 2 -0.76 -0.38 4.88
N CYS A 3 0.52 -0.57 5.06
CA CYS A 3 1.35 0.46 5.65
C CYS A 3 2.28 1.04 4.61
N CYS A 4 2.30 2.32 4.51
CA CYS A 4 3.13 3.01 3.56
C CYS A 4 4.20 3.83 4.26
N PRO A 5 5.40 3.94 3.66
CA PRO A 5 6.52 4.70 4.26
C PRO A 5 6.34 6.21 4.16
N SER A 6 5.43 6.65 3.32
CA SER A 6 5.19 8.06 3.10
C SER A 6 3.73 8.27 2.68
N THR A 7 3.26 9.48 2.81
CA THR A 7 1.91 9.84 2.46
C THR A 7 1.69 9.76 0.94
N THR A 8 2.70 10.15 0.16
CA THR A 8 2.60 10.06 -1.28
C THR A 8 2.55 8.60 -1.71
N ALA A 9 3.19 7.74 -0.91
CA ALA A 9 3.19 6.34 -1.16
C ALA A 9 1.77 5.82 -1.01
N ARG A 10 1.07 6.26 0.04
CA ARG A 10 -0.34 5.90 0.23
C ARG A 10 -1.17 6.43 -0.92
N ASN A 11 -0.89 7.66 -1.31
CA ASN A 11 -1.62 8.32 -2.40
C ASN A 11 -1.52 7.51 -3.68
N ILE A 12 -0.30 7.17 -4.03
CA ILE A 12 0.00 6.37 -5.21
C ILE A 12 -0.61 4.97 -5.08
N TYR A 13 -0.39 4.37 -3.93
CA TYR A 13 -0.89 3.04 -3.61
C TYR A 13 -2.41 2.97 -3.73
N ASN A 14 -3.07 3.85 -3.03
CA ASN A 14 -4.52 3.87 -2.96
C ASN A 14 -5.12 4.13 -4.29
N THR A 15 -4.55 5.05 -5.06
CA THR A 15 -5.09 5.35 -6.37
C THR A 15 -4.83 4.24 -7.36
N CYS A 16 -3.73 3.53 -7.16
CA CYS A 16 -3.40 2.39 -7.96
C CYS A 16 -4.44 1.32 -7.78
N ARG A 17 -4.68 0.93 -6.51
CA ARG A 17 -5.60 -0.15 -6.21
C ARG A 17 -7.04 0.32 -6.16
N PHE A 18 -7.22 1.61 -6.28
CA PHE A 18 -8.53 2.20 -6.37
C PHE A 18 -9.13 1.77 -7.69
N GLY A 19 -8.36 1.93 -8.74
CA GLY A 19 -8.81 1.54 -10.05
C GLY A 19 -8.55 0.08 -10.34
N GLY A 20 -7.34 -0.22 -10.77
CA GLY A 20 -6.98 -1.56 -11.16
C GLY A 20 -5.99 -2.21 -10.21
N GLY A 21 -5.28 -3.19 -10.72
CA GLY A 21 -4.23 -3.86 -9.98
C GLY A 21 -4.75 -4.65 -8.80
N SER A 22 -4.00 -4.64 -7.75
CA SER A 22 -4.32 -5.34 -6.52
C SER A 22 -3.53 -4.68 -5.41
N ARG A 23 -3.94 -4.90 -4.16
CA ARG A 23 -3.28 -4.30 -2.99
C ARG A 23 -1.78 -4.54 -3.02
N THR A 24 -1.40 -5.78 -3.17
CA THR A 24 -0.02 -6.20 -3.16
C THR A 24 0.78 -5.66 -4.34
N LEU A 25 0.16 -5.64 -5.50
CA LEU A 25 0.78 -5.14 -6.73
C LEU A 25 1.05 -3.65 -6.60
N CYS A 26 0.11 -2.95 -6.03
CA CYS A 26 0.21 -1.52 -5.86
C CYS A 26 1.14 -1.17 -4.73
N ALA A 27 1.12 -1.99 -3.69
CA ALA A 27 2.04 -1.85 -2.57
C ALA A 27 3.48 -1.99 -3.03
N LYS A 28 3.72 -2.97 -3.89
CA LYS A 28 5.04 -3.24 -4.46
C LYS A 28 5.63 -1.97 -5.11
N LEU A 29 4.80 -1.28 -5.85
CA LEU A 29 5.19 -0.05 -6.56
C LEU A 29 5.41 1.10 -5.58
N SER A 30 4.53 1.22 -4.65
CA SER A 30 4.54 2.35 -3.73
C SER A 30 5.50 2.14 -2.55
N GLY A 31 5.97 0.91 -2.38
CA GLY A 31 6.89 0.60 -1.30
C GLY A 31 6.14 0.32 -0.01
N CYS A 32 4.85 0.10 -0.15
CA CYS A 32 3.97 -0.13 0.97
C CYS A 32 3.94 -1.62 1.30
N LYS A 33 3.63 -1.93 2.53
CA LYS A 33 3.60 -3.30 2.97
C LYS A 33 2.17 -3.71 3.28
N ILE A 34 1.78 -4.85 2.79
CA ILE A 34 0.44 -5.37 3.02
C ILE A 34 0.50 -6.34 4.19
N VAL A 35 -0.26 -6.08 5.23
CA VAL A 35 -0.32 -6.96 6.38
C VAL A 35 -1.76 -7.29 6.70
N SER A 36 -1.95 -8.37 7.42
CA SER A 36 -3.29 -8.85 7.73
C SER A 36 -3.83 -8.13 8.97
N GLY A 37 -2.93 -7.60 9.75
CA GLY A 37 -3.28 -6.93 10.96
C GLY A 37 -3.32 -5.43 10.78
N THR A 38 -3.57 -4.75 11.86
CA THR A 38 -3.70 -3.32 11.88
C THR A 38 -2.34 -2.65 12.14
N THR A 39 -1.36 -3.44 12.54
CA THR A 39 -0.06 -2.92 12.87
C THR A 39 0.85 -2.89 11.66
N CYS A 40 1.63 -1.86 11.56
CA CYS A 40 2.58 -1.70 10.49
C CYS A 40 3.82 -2.53 10.79
N PRO A 41 4.35 -3.26 9.80
CA PRO A 41 5.55 -4.05 9.98
C PRO A 41 6.79 -3.15 10.05
N LYS A 42 7.79 -3.62 10.72
CA LYS A 42 9.02 -2.90 10.89
C LYS A 42 10.15 -3.86 10.65
N LYS A 1 -3.51 -3.71 8.17
CA LYS A 1 -3.88 -2.59 7.33
C LYS A 1 -2.78 -2.36 6.32
N SER A 2 -2.95 -1.39 5.49
CA SER A 2 -1.95 -1.05 4.53
C SER A 2 -1.01 -0.03 5.19
N CYS A 3 0.25 -0.38 5.32
CA CYS A 3 1.22 0.50 5.94
C CYS A 3 2.08 1.16 4.88
N CYS A 4 2.10 2.46 4.83
CA CYS A 4 2.87 3.16 3.85
C CYS A 4 3.97 4.00 4.49
N PRO A 5 5.18 3.98 3.88
CA PRO A 5 6.34 4.75 4.38
C PRO A 5 6.10 6.25 4.42
N SER A 6 5.21 6.73 3.56
CA SER A 6 4.89 8.12 3.49
C SER A 6 3.48 8.30 2.94
N THR A 7 3.01 9.53 2.97
CA THR A 7 1.75 9.90 2.43
C THR A 7 1.81 9.80 0.90
N THR A 8 2.96 10.16 0.36
CA THR A 8 3.19 10.11 -1.07
C THR A 8 3.05 8.67 -1.56
N ALA A 9 3.57 7.72 -0.78
CA ALA A 9 3.45 6.31 -1.09
C ALA A 9 1.98 5.91 -1.17
N ARG A 10 1.18 6.41 -0.22
CA ARG A 10 -0.27 6.15 -0.19
C ARG A 10 -0.95 6.66 -1.45
N ASN A 11 -0.57 7.87 -1.89
CA ASN A 11 -1.16 8.49 -3.09
C ASN A 11 -0.99 7.60 -4.33
N ILE A 12 0.24 7.13 -4.55
CA ILE A 12 0.52 6.25 -5.68
C ILE A 12 -0.19 4.90 -5.48
N TYR A 13 -0.09 4.38 -4.26
CA TYR A 13 -0.69 3.11 -3.89
C TYR A 13 -2.19 3.11 -4.19
N ASN A 14 -2.88 4.04 -3.60
CA ASN A 14 -4.32 4.10 -3.68
C ASN A 14 -4.81 4.29 -5.09
N THR A 15 -4.17 5.17 -5.86
CA THR A 15 -4.61 5.39 -7.24
C THR A 15 -4.38 4.18 -8.12
N CYS A 16 -3.31 3.45 -7.86
CA CYS A 16 -2.98 2.24 -8.59
C CYS A 16 -4.07 1.18 -8.36
N ARG A 17 -4.41 0.97 -7.09
CA ARG A 17 -5.36 -0.07 -6.72
C ARG A 17 -6.79 0.43 -6.75
N PHE A 18 -6.94 1.67 -7.07
CA PHE A 18 -8.24 2.29 -7.17
C PHE A 18 -8.96 1.74 -8.38
N GLY A 19 -8.35 1.93 -9.53
CA GLY A 19 -8.92 1.46 -10.75
C GLY A 19 -8.49 0.05 -11.07
N GLY A 20 -7.20 -0.14 -11.20
CA GLY A 20 -6.68 -1.43 -11.57
C GLY A 20 -5.90 -2.09 -10.46
N GLY A 21 -5.02 -2.99 -10.86
CA GLY A 21 -4.10 -3.64 -9.97
C GLY A 21 -4.76 -4.46 -8.89
N SER A 22 -4.13 -4.46 -7.75
CA SER A 22 -4.58 -5.14 -6.57
C SER A 22 -3.89 -4.43 -5.41
N ARG A 23 -4.43 -4.51 -4.20
CA ARG A 23 -3.86 -3.79 -3.08
C ARG A 23 -2.40 -4.17 -2.79
N THR A 24 -2.09 -5.45 -2.65
CA THR A 24 -0.73 -5.83 -2.34
C THR A 24 0.21 -5.66 -3.55
N LEU A 25 -0.35 -5.71 -4.74
CA LEU A 25 0.41 -5.49 -5.97
C LEU A 25 0.83 -4.02 -6.08
N CYS A 26 -0.10 -3.14 -5.80
CA CYS A 26 0.14 -1.73 -5.86
C CYS A 26 0.92 -1.23 -4.65
N ALA A 27 0.76 -1.92 -3.54
CA ALA A 27 1.51 -1.59 -2.35
C ALA A 27 2.97 -1.87 -2.58
N LYS A 28 3.23 -2.99 -3.21
CA LYS A 28 4.57 -3.40 -3.58
C LYS A 28 5.21 -2.34 -4.51
N LEU A 29 4.38 -1.74 -5.33
CA LEU A 29 4.80 -0.73 -6.27
C LEU A 29 5.20 0.57 -5.55
N SER A 30 4.39 0.97 -4.61
CA SER A 30 4.61 2.22 -3.88
C SER A 30 5.61 2.07 -2.71
N GLY A 31 5.70 0.88 -2.17
CA GLY A 31 6.56 0.64 -1.06
C GLY A 31 5.77 0.33 0.20
N CYS A 32 4.47 0.27 0.05
CA CYS A 32 3.56 0.03 1.15
C CYS A 32 3.51 -1.45 1.50
N LYS A 33 3.15 -1.73 2.73
CA LYS A 33 3.10 -3.09 3.23
C LYS A 33 1.65 -3.45 3.46
N ILE A 34 1.16 -4.46 2.80
CA ILE A 34 -0.18 -4.91 3.04
C ILE A 34 -0.13 -5.97 4.12
N VAL A 35 -0.48 -5.61 5.31
CA VAL A 35 -0.49 -6.56 6.39
C VAL A 35 -1.90 -6.83 6.82
N SER A 36 -2.19 -8.06 7.11
CA SER A 36 -3.53 -8.45 7.52
C SER A 36 -3.62 -8.49 9.03
N GLY A 37 -2.47 -8.45 9.67
CA GLY A 37 -2.42 -8.49 11.09
C GLY A 37 -2.66 -7.14 11.69
N THR A 38 -2.64 -7.08 13.00
CA THR A 38 -2.84 -5.85 13.74
C THR A 38 -1.51 -5.15 13.97
N THR A 39 -0.47 -5.74 13.44
CA THR A 39 0.85 -5.22 13.50
C THR A 39 1.10 -4.31 12.28
N CYS A 40 2.22 -3.65 12.26
CA CYS A 40 2.57 -2.78 11.18
C CYS A 40 4.07 -2.58 11.19
N PRO A 41 4.77 -3.04 10.15
CA PRO A 41 6.21 -2.92 10.07
C PRO A 41 6.66 -1.66 9.38
N LYS A 42 7.94 -1.42 9.42
CA LYS A 42 8.53 -0.31 8.75
C LYS A 42 9.32 -0.90 7.61
N LYS A 1 -3.30 -3.62 7.39
CA LYS A 1 -3.18 -2.33 6.70
C LYS A 1 -2.05 -2.39 5.69
N SER A 2 -1.81 -1.28 5.04
CA SER A 2 -0.76 -1.21 4.07
C SER A 2 0.32 -0.27 4.61
N CYS A 3 1.48 -0.81 4.85
CA CYS A 3 2.56 -0.07 5.42
C CYS A 3 3.27 0.71 4.32
N CYS A 4 3.06 1.99 4.27
CA CYS A 4 3.66 2.81 3.27
C CYS A 4 4.67 3.75 3.87
N PRO A 5 5.80 3.97 3.18
CA PRO A 5 6.86 4.84 3.67
C PRO A 5 6.45 6.32 3.76
N SER A 6 5.48 6.71 2.96
CA SER A 6 5.03 8.08 2.97
C SER A 6 3.55 8.16 2.64
N THR A 7 2.99 9.33 2.81
CA THR A 7 1.63 9.60 2.47
C THR A 7 1.52 9.66 0.95
N THR A 8 2.59 10.12 0.29
CA THR A 8 2.67 10.14 -1.14
C THR A 8 2.57 8.69 -1.65
N ALA A 9 3.29 7.78 -1.00
CA ALA A 9 3.23 6.38 -1.34
C ALA A 9 1.81 5.85 -1.15
N ARG A 10 1.18 6.20 -0.01
CA ARG A 10 -0.22 5.81 0.25
C ARG A 10 -1.16 6.33 -0.83
N ASN A 11 -0.97 7.55 -1.25
CA ASN A 11 -1.81 8.16 -2.27
C ASN A 11 -1.70 7.44 -3.59
N ILE A 12 -0.47 7.19 -4.03
CA ILE A 12 -0.22 6.45 -5.27
C ILE A 12 -0.75 5.03 -5.14
N TYR A 13 -0.49 4.42 -4.00
CA TYR A 13 -0.97 3.10 -3.67
C TYR A 13 -2.48 3.01 -3.80
N ASN A 14 -3.18 3.88 -3.09
CA ASN A 14 -4.61 3.85 -3.07
C ASN A 14 -5.22 4.14 -4.39
N THR A 15 -4.67 5.07 -5.15
CA THR A 15 -5.21 5.36 -6.47
C THR A 15 -4.97 4.22 -7.45
N CYS A 16 -3.85 3.54 -7.29
CA CYS A 16 -3.52 2.39 -8.09
C CYS A 16 -4.55 1.29 -7.87
N ARG A 17 -4.80 0.93 -6.61
CA ARG A 17 -5.72 -0.14 -6.28
C ARG A 17 -7.18 0.30 -6.27
N PHE A 18 -7.39 1.60 -6.34
CA PHE A 18 -8.72 2.18 -6.40
C PHE A 18 -9.40 1.72 -7.67
N GLY A 19 -8.65 1.81 -8.74
CA GLY A 19 -9.17 1.38 -10.00
C GLY A 19 -8.73 -0.04 -10.34
N GLY A 20 -7.48 -0.20 -10.67
CA GLY A 20 -7.00 -1.48 -11.14
C GLY A 20 -6.06 -2.17 -10.19
N GLY A 21 -5.25 -3.04 -10.77
CA GLY A 21 -4.24 -3.78 -10.05
C GLY A 21 -4.79 -4.63 -8.93
N SER A 22 -4.09 -4.61 -7.84
CA SER A 22 -4.43 -5.31 -6.62
C SER A 22 -3.69 -4.62 -5.52
N ARG A 23 -4.05 -4.86 -4.28
CA ARG A 23 -3.41 -4.20 -3.15
C ARG A 23 -1.92 -4.44 -3.13
N THR A 24 -1.52 -5.69 -3.23
CA THR A 24 -0.11 -6.04 -3.17
C THR A 24 0.66 -5.50 -4.37
N LEU A 25 0.07 -5.60 -5.56
CA LEU A 25 0.69 -5.12 -6.79
C LEU A 25 0.91 -3.60 -6.73
N CYS A 26 -0.02 -2.92 -6.13
CA CYS A 26 0.06 -1.49 -5.98
C CYS A 26 1.01 -1.11 -4.87
N ALA A 27 1.00 -1.91 -3.81
CA ALA A 27 1.94 -1.75 -2.73
C ALA A 27 3.36 -1.90 -3.21
N LYS A 28 3.57 -2.92 -4.04
CA LYS A 28 4.86 -3.24 -4.65
C LYS A 28 5.45 -2.02 -5.37
N LEU A 29 4.59 -1.27 -6.03
CA LEU A 29 4.98 -0.08 -6.77
C LEU A 29 5.29 1.08 -5.83
N SER A 30 4.50 1.19 -4.81
CA SER A 30 4.58 2.31 -3.90
C SER A 30 5.61 2.08 -2.76
N GLY A 31 6.16 0.88 -2.70
CA GLY A 31 7.11 0.55 -1.66
C GLY A 31 6.39 0.19 -0.37
N CYS A 32 5.14 -0.11 -0.50
CA CYS A 32 4.30 -0.43 0.61
C CYS A 32 4.26 -1.92 0.85
N LYS A 33 3.98 -2.30 2.07
CA LYS A 33 3.91 -3.69 2.46
C LYS A 33 2.48 -3.97 2.88
N ILE A 34 1.92 -5.05 2.43
CA ILE A 34 0.55 -5.38 2.79
C ILE A 34 0.55 -6.30 3.98
N VAL A 35 -0.04 -5.87 5.07
CA VAL A 35 -0.15 -6.68 6.25
C VAL A 35 -1.63 -6.88 6.57
N SER A 36 -1.97 -8.03 7.11
CA SER A 36 -3.33 -8.33 7.44
C SER A 36 -3.61 -7.91 8.88
N GLY A 37 -2.61 -7.32 9.50
CA GLY A 37 -2.75 -6.85 10.83
C GLY A 37 -3.09 -5.38 10.86
N THR A 38 -3.80 -4.98 11.89
CA THR A 38 -4.21 -3.62 12.06
C THR A 38 -3.01 -2.76 12.50
N THR A 39 -1.96 -3.42 12.95
CA THR A 39 -0.74 -2.76 13.32
C THR A 39 0.35 -3.23 12.39
N CYS A 40 1.30 -2.39 12.11
CA CYS A 40 2.39 -2.76 11.24
C CYS A 40 3.67 -2.88 12.05
N PRO A 41 4.15 -4.11 12.29
CA PRO A 41 5.35 -4.37 13.09
C PRO A 41 6.64 -4.13 12.28
N LYS A 42 6.79 -2.94 11.78
CA LYS A 42 7.95 -2.58 11.01
C LYS A 42 8.83 -1.67 11.86
N LYS A 1 -3.83 -4.13 7.77
CA LYS A 1 -3.87 -2.77 7.26
C LYS A 1 -2.74 -2.57 6.27
N SER A 2 -2.97 -1.78 5.26
CA SER A 2 -1.95 -1.42 4.33
C SER A 2 -1.18 -0.23 4.90
N CYS A 3 0.07 -0.44 5.16
CA CYS A 3 0.92 0.58 5.73
C CYS A 3 1.92 1.07 4.71
N CYS A 4 2.08 2.35 4.57
CA CYS A 4 3.05 2.84 3.66
C CYS A 4 3.81 4.01 4.32
N PRO A 5 5.12 4.16 4.01
CA PRO A 5 6.04 5.13 4.69
C PRO A 5 5.58 6.59 4.72
N SER A 6 4.80 6.97 3.78
CA SER A 6 4.35 8.33 3.71
C SER A 6 2.92 8.37 3.22
N THR A 7 2.28 9.50 3.41
CA THR A 7 0.92 9.70 2.99
C THR A 7 0.88 9.71 1.47
N THR A 8 1.91 10.27 0.85
CA THR A 8 2.01 10.31 -0.59
C THR A 8 2.23 8.89 -1.11
N ALA A 9 2.95 8.08 -0.35
CA ALA A 9 3.20 6.70 -0.70
C ALA A 9 1.88 5.93 -0.68
N ARG A 10 1.12 6.11 0.41
CA ARG A 10 -0.24 5.54 0.50
C ARG A 10 -1.10 6.04 -0.63
N ASN A 11 -0.98 7.32 -0.96
CA ASN A 11 -1.73 7.94 -2.06
C ASN A 11 -1.44 7.23 -3.37
N ILE A 12 -0.15 7.10 -3.70
CA ILE A 12 0.30 6.43 -4.92
C ILE A 12 -0.25 5.01 -4.97
N TYR A 13 -0.09 4.31 -3.86
CA TYR A 13 -0.60 2.99 -3.68
C TYR A 13 -2.10 2.94 -3.90
N ASN A 14 -2.82 3.74 -3.16
CA ASN A 14 -4.26 3.77 -3.20
C ASN A 14 -4.80 4.13 -4.54
N THR A 15 -4.19 5.07 -5.23
CA THR A 15 -4.67 5.43 -6.56
C THR A 15 -4.35 4.36 -7.60
N CYS A 16 -3.25 3.67 -7.40
CA CYS A 16 -2.87 2.56 -8.27
C CYS A 16 -3.88 1.42 -8.16
N ARG A 17 -4.23 1.07 -6.93
CA ARG A 17 -5.16 -0.04 -6.68
C ARG A 17 -6.61 0.41 -6.73
N PHE A 18 -6.81 1.70 -6.79
CA PHE A 18 -8.14 2.29 -6.83
C PHE A 18 -8.81 1.91 -8.13
N GLY A 19 -8.09 2.11 -9.20
CA GLY A 19 -8.63 1.79 -10.50
C GLY A 19 -8.40 0.34 -10.86
N GLY A 20 -7.18 0.01 -11.22
CA GLY A 20 -6.87 -1.33 -11.65
C GLY A 20 -5.97 -2.06 -10.67
N GLY A 21 -5.27 -3.04 -11.18
CA GLY A 21 -4.32 -3.81 -10.41
C GLY A 21 -4.94 -4.57 -9.26
N SER A 22 -4.21 -4.67 -8.20
CA SER A 22 -4.63 -5.29 -7.00
C SER A 22 -3.99 -4.52 -5.85
N ARG A 23 -4.24 -4.89 -4.61
CA ARG A 23 -3.72 -4.11 -3.52
C ARG A 23 -2.27 -4.44 -3.32
N THR A 24 -1.95 -5.68 -3.47
CA THR A 24 -0.64 -6.15 -3.23
C THR A 24 0.32 -5.76 -4.37
N LEU A 25 -0.20 -5.73 -5.60
CA LEU A 25 0.57 -5.35 -6.78
C LEU A 25 1.01 -3.89 -6.65
N CYS A 26 0.09 -3.07 -6.24
CA CYS A 26 0.34 -1.66 -6.09
C CYS A 26 1.13 -1.34 -4.84
N ALA A 27 1.01 -2.18 -3.83
CA ALA A 27 1.80 -2.03 -2.64
C ALA A 27 3.26 -2.29 -2.94
N LYS A 28 3.50 -3.31 -3.76
CA LYS A 28 4.85 -3.68 -4.18
C LYS A 28 5.49 -2.52 -4.94
N LEU A 29 4.69 -1.88 -5.75
CA LEU A 29 5.14 -0.77 -6.58
C LEU A 29 5.53 0.44 -5.72
N SER A 30 4.71 0.73 -4.73
CA SER A 30 4.89 1.91 -3.92
C SER A 30 5.83 1.66 -2.72
N GLY A 31 5.95 0.42 -2.31
CA GLY A 31 6.78 0.09 -1.16
C GLY A 31 5.95 0.05 0.11
N CYS A 32 4.70 -0.36 -0.04
CA CYS A 32 3.77 -0.40 1.05
C CYS A 32 3.66 -1.83 1.58
N LYS A 33 3.34 -1.97 2.84
CA LYS A 33 3.16 -3.27 3.47
C LYS A 33 1.68 -3.62 3.53
N ILE A 34 1.31 -4.70 2.90
CA ILE A 34 -0.03 -5.25 3.01
C ILE A 34 0.04 -6.27 4.12
N VAL A 35 -0.44 -5.93 5.29
CA VAL A 35 -0.37 -6.88 6.39
C VAL A 35 -1.73 -7.14 6.99
N SER A 36 -1.84 -8.22 7.73
CA SER A 36 -3.09 -8.63 8.33
C SER A 36 -3.39 -7.80 9.58
N GLY A 37 -2.36 -7.38 10.28
CA GLY A 37 -2.53 -6.62 11.49
C GLY A 37 -2.68 -5.14 11.22
N THR A 38 -2.98 -4.40 12.25
CA THR A 38 -3.14 -2.97 12.21
C THR A 38 -1.76 -2.30 12.38
N THR A 39 -0.76 -3.14 12.50
CA THR A 39 0.59 -2.74 12.72
C THR A 39 1.30 -2.50 11.40
N CYS A 40 2.58 -2.23 11.48
CA CYS A 40 3.36 -1.99 10.31
C CYS A 40 4.73 -2.63 10.46
N PRO A 41 4.87 -3.89 10.00
CA PRO A 41 6.14 -4.59 9.97
C PRO A 41 7.12 -3.89 9.08
N LYS A 42 8.02 -3.24 9.69
CA LYS A 42 9.01 -2.49 9.01
C LYS A 42 10.35 -2.98 9.49
N LYS A 1 -5.02 -1.24 6.46
CA LYS A 1 -3.79 -1.81 7.02
C LYS A 1 -2.65 -1.80 6.00
N SER A 2 -2.67 -0.82 5.12
CA SER A 2 -1.62 -0.67 4.15
C SER A 2 -0.58 0.28 4.71
N CYS A 3 0.59 -0.20 4.92
CA CYS A 3 1.63 0.60 5.51
C CYS A 3 2.53 1.16 4.44
N CYS A 4 2.69 2.45 4.44
CA CYS A 4 3.48 3.12 3.46
C CYS A 4 4.57 3.96 4.12
N PRO A 5 5.77 4.03 3.48
CA PRO A 5 6.89 4.84 3.98
C PRO A 5 6.47 6.28 4.23
N SER A 6 5.89 6.90 3.22
CA SER A 6 5.48 8.27 3.33
C SER A 6 4.08 8.44 2.71
N THR A 7 3.52 9.63 2.84
CA THR A 7 2.19 9.95 2.36
C THR A 7 2.13 9.86 0.84
N THR A 8 3.20 10.28 0.18
CA THR A 8 3.29 10.23 -1.25
C THR A 8 3.10 8.78 -1.75
N ALA A 9 3.70 7.83 -1.05
CA ALA A 9 3.57 6.42 -1.37
C ALA A 9 2.12 6.00 -1.31
N ARG A 10 1.42 6.43 -0.25
CA ARG A 10 -0.01 6.13 -0.09
C ARG A 10 -0.82 6.68 -1.24
N ASN A 11 -0.51 7.88 -1.62
CA ASN A 11 -1.21 8.58 -2.69
C ASN A 11 -1.15 7.84 -3.99
N ILE A 12 0.02 7.32 -4.33
CA ILE A 12 0.18 6.53 -5.56
C ILE A 12 -0.42 5.14 -5.37
N TYR A 13 -0.22 4.58 -4.20
CA TYR A 13 -0.75 3.26 -3.86
C TYR A 13 -2.26 3.20 -4.01
N ASN A 14 -2.95 4.10 -3.33
CA ASN A 14 -4.39 4.08 -3.33
C ASN A 14 -4.98 4.21 -4.69
N THR A 15 -4.53 5.17 -5.48
CA THR A 15 -5.09 5.37 -6.81
C THR A 15 -4.80 4.22 -7.74
N CYS A 16 -3.66 3.59 -7.56
CA CYS A 16 -3.29 2.44 -8.36
C CYS A 16 -4.29 1.33 -8.14
N ARG A 17 -4.51 1.00 -6.87
CA ARG A 17 -5.34 -0.14 -6.51
C ARG A 17 -6.80 0.25 -6.37
N PHE A 18 -7.08 1.51 -6.58
CA PHE A 18 -8.43 2.05 -6.55
C PHE A 18 -9.15 1.58 -7.79
N GLY A 19 -8.43 1.62 -8.89
CA GLY A 19 -8.92 1.10 -10.12
C GLY A 19 -8.67 -0.40 -10.21
N GLY A 20 -7.63 -0.78 -10.91
CA GLY A 20 -7.30 -2.16 -11.02
C GLY A 20 -6.01 -2.49 -10.31
N GLY A 21 -5.90 -3.71 -9.85
CA GLY A 21 -4.72 -4.12 -9.16
C GLY A 21 -5.02 -4.51 -7.74
N SER A 22 -4.31 -5.50 -7.27
CA SER A 22 -4.43 -5.97 -5.93
C SER A 22 -3.76 -4.97 -4.99
N ARG A 23 -4.14 -4.97 -3.71
CA ARG A 23 -3.55 -4.09 -2.71
C ARG A 23 -2.05 -4.25 -2.69
N THR A 24 -1.59 -5.48 -2.56
CA THR A 24 -0.18 -5.77 -2.46
C THR A 24 0.54 -5.56 -3.80
N LEU A 25 -0.21 -5.58 -4.89
CA LEU A 25 0.38 -5.37 -6.20
C LEU A 25 0.77 -3.89 -6.33
N CYS A 26 -0.15 -3.04 -5.99
CA CYS A 26 0.09 -1.61 -6.05
C CYS A 26 0.99 -1.15 -4.92
N ALA A 27 0.86 -1.79 -3.76
CA ALA A 27 1.73 -1.50 -2.64
C ALA A 27 3.18 -1.76 -3.03
N LYS A 28 3.39 -2.84 -3.75
CA LYS A 28 4.70 -3.25 -4.24
C LYS A 28 5.30 -2.18 -5.18
N LEU A 29 4.43 -1.40 -5.78
CA LEU A 29 4.84 -0.37 -6.71
C LEU A 29 5.26 0.89 -5.96
N SER A 30 4.44 1.30 -5.01
CA SER A 30 4.68 2.51 -4.24
C SER A 30 5.71 2.31 -3.12
N GLY A 31 5.90 1.07 -2.72
CA GLY A 31 6.84 0.77 -1.66
C GLY A 31 6.12 0.53 -0.35
N CYS A 32 4.86 0.22 -0.45
CA CYS A 32 4.04 0.00 0.69
C CYS A 32 3.95 -1.49 0.98
N LYS A 33 3.68 -1.83 2.21
CA LYS A 33 3.49 -3.20 2.58
C LYS A 33 2.11 -3.41 3.14
N ILE A 34 1.43 -4.39 2.60
CA ILE A 34 0.12 -4.77 3.02
C ILE A 34 0.27 -5.80 4.14
N VAL A 35 -0.15 -5.47 5.33
CA VAL A 35 -0.02 -6.40 6.43
C VAL A 35 -1.24 -7.29 6.51
N SER A 36 -1.06 -8.49 6.99
CA SER A 36 -2.14 -9.43 7.07
C SER A 36 -2.96 -9.23 8.36
N GLY A 37 -2.28 -8.90 9.43
CA GLY A 37 -2.94 -8.71 10.71
C GLY A 37 -3.37 -7.28 10.93
N THR A 38 -3.63 -6.93 12.17
CA THR A 38 -4.05 -5.59 12.50
C THR A 38 -2.88 -4.66 12.80
N THR A 39 -1.81 -5.21 13.34
CA THR A 39 -0.67 -4.40 13.69
C THR A 39 0.28 -4.31 12.52
N CYS A 40 1.03 -3.26 12.45
CA CYS A 40 1.91 -3.05 11.35
C CYS A 40 3.35 -2.91 11.80
N PRO A 41 4.25 -3.77 11.31
CA PRO A 41 5.65 -3.64 11.58
C PRO A 41 6.28 -2.56 10.68
N LYS A 42 7.17 -1.81 11.26
CA LYS A 42 7.83 -0.72 10.59
C LYS A 42 8.93 -1.25 9.69
N LYS A 1 -3.92 -3.99 6.13
CA LYS A 1 -3.34 -2.69 6.37
C LYS A 1 -2.18 -2.46 5.44
N SER A 2 -2.07 -1.28 4.92
CA SER A 2 -1.00 -0.93 4.08
C SER A 2 -0.12 0.10 4.77
N CYS A 3 1.07 -0.31 5.11
CA CYS A 3 2.00 0.57 5.78
C CYS A 3 2.87 1.21 4.73
N CYS A 4 2.63 2.44 4.48
CA CYS A 4 3.34 3.17 3.47
C CYS A 4 4.45 4.00 4.08
N PRO A 5 5.61 4.11 3.41
CA PRO A 5 6.74 4.86 3.92
C PRO A 5 6.47 6.36 3.96
N SER A 6 5.54 6.81 3.15
CA SER A 6 5.21 8.19 3.06
C SER A 6 3.77 8.33 2.59
N THR A 7 3.25 9.51 2.71
CA THR A 7 1.90 9.84 2.34
C THR A 7 1.74 9.79 0.82
N THR A 8 2.79 10.17 0.12
CA THR A 8 2.83 10.14 -1.32
C THR A 8 2.67 8.71 -1.82
N ALA A 9 3.33 7.78 -1.14
CA ALA A 9 3.26 6.36 -1.48
C ALA A 9 1.83 5.88 -1.35
N ARG A 10 1.14 6.30 -0.28
CA ARG A 10 -0.26 5.95 -0.06
C ARG A 10 -1.11 6.43 -1.20
N ASN A 11 -0.88 7.67 -1.61
CA ASN A 11 -1.64 8.30 -2.69
C ASN A 11 -1.52 7.53 -3.97
N ILE A 12 -0.30 7.23 -4.38
CA ILE A 12 -0.04 6.47 -5.60
C ILE A 12 -0.61 5.06 -5.49
N TYR A 13 -0.32 4.42 -4.36
CA TYR A 13 -0.81 3.08 -4.07
C TYR A 13 -2.32 3.03 -4.16
N ASN A 14 -2.96 3.92 -3.44
CA ASN A 14 -4.39 3.94 -3.37
C ASN A 14 -5.02 4.20 -4.70
N THR A 15 -4.52 5.15 -5.47
CA THR A 15 -5.12 5.41 -6.78
C THR A 15 -4.89 4.27 -7.77
N CYS A 16 -3.82 3.51 -7.56
CA CYS A 16 -3.54 2.36 -8.39
C CYS A 16 -4.60 1.29 -8.15
N ARG A 17 -4.77 0.93 -6.88
CA ARG A 17 -5.71 -0.12 -6.49
C ARG A 17 -7.15 0.38 -6.45
N PHE A 18 -7.31 1.68 -6.47
CA PHE A 18 -8.61 2.32 -6.53
C PHE A 18 -9.23 1.98 -7.86
N GLY A 19 -8.39 1.97 -8.87
CA GLY A 19 -8.81 1.61 -10.17
C GLY A 19 -8.62 0.13 -10.43
N GLY A 20 -7.42 -0.25 -10.79
CA GLY A 20 -7.14 -1.60 -11.17
C GLY A 20 -6.25 -2.33 -10.21
N GLY A 21 -5.60 -3.37 -10.72
CA GLY A 21 -4.64 -4.13 -9.96
C GLY A 21 -5.23 -4.80 -8.74
N SER A 22 -4.46 -4.78 -7.69
CA SER A 22 -4.78 -5.33 -6.43
C SER A 22 -4.04 -4.53 -5.38
N ARG A 23 -4.28 -4.80 -4.11
CA ARG A 23 -3.62 -4.09 -3.04
C ARG A 23 -2.13 -4.35 -3.11
N THR A 24 -1.80 -5.61 -3.16
CA THR A 24 -0.45 -6.07 -3.10
C THR A 24 0.41 -5.61 -4.27
N LEU A 25 -0.11 -5.71 -5.48
CA LEU A 25 0.63 -5.32 -6.67
C LEU A 25 0.92 -3.83 -6.64
N CYS A 26 -0.06 -3.08 -6.24
CA CYS A 26 0.06 -1.63 -6.21
C CYS A 26 0.91 -1.15 -5.04
N ALA A 27 0.87 -1.90 -3.95
CA ALA A 27 1.68 -1.57 -2.80
C ALA A 27 3.14 -1.85 -3.08
N LYS A 28 3.41 -2.92 -3.80
CA LYS A 28 4.77 -3.32 -4.15
C LYS A 28 5.38 -2.29 -5.12
N LEU A 29 4.51 -1.63 -5.86
CA LEU A 29 4.91 -0.60 -6.80
C LEU A 29 5.32 0.67 -6.06
N SER A 30 4.52 1.05 -5.11
CA SER A 30 4.71 2.28 -4.37
C SER A 30 5.80 2.15 -3.30
N GLY A 31 5.80 1.02 -2.61
CA GLY A 31 6.73 0.81 -1.53
C GLY A 31 6.00 0.52 -0.23
N CYS A 32 4.70 0.40 -0.32
CA CYS A 32 3.86 0.15 0.81
C CYS A 32 3.89 -1.32 1.20
N LYS A 33 3.83 -1.58 2.47
CA LYS A 33 3.85 -2.91 2.99
C LYS A 33 2.44 -3.37 3.28
N ILE A 34 1.98 -4.38 2.59
CA ILE A 34 0.69 -4.95 2.87
C ILE A 34 0.85 -5.91 4.03
N VAL A 35 0.26 -5.56 5.14
CA VAL A 35 0.26 -6.40 6.30
C VAL A 35 -1.17 -6.82 6.57
N SER A 36 -1.37 -7.98 7.08
CA SER A 36 -2.69 -8.50 7.28
C SER A 36 -3.26 -8.15 8.65
N GLY A 37 -2.38 -7.95 9.61
CA GLY A 37 -2.81 -7.62 10.94
C GLY A 37 -3.01 -6.14 11.12
N THR A 38 -3.59 -5.73 12.23
CA THR A 38 -3.80 -4.34 12.50
C THR A 38 -2.58 -3.71 13.15
N THR A 39 -1.65 -4.53 13.57
CA THR A 39 -0.41 -4.07 14.10
C THR A 39 0.58 -4.17 13.03
N CYS A 40 1.18 -3.10 12.75
CA CYS A 40 2.10 -3.07 11.71
C CYS A 40 3.51 -3.21 12.27
N PRO A 41 4.24 -4.25 11.88
CA PRO A 41 5.61 -4.47 12.33
C PRO A 41 6.54 -3.40 11.76
N LYS A 42 7.47 -2.99 12.56
CA LYS A 42 8.35 -1.92 12.21
C LYS A 42 9.75 -2.33 12.52
N LYS A 1 -3.80 -3.88 7.18
CA LYS A 1 -3.33 -2.52 6.97
C LYS A 1 -2.36 -2.45 5.81
N SER A 2 -2.45 -1.42 5.03
CA SER A 2 -1.49 -1.18 3.98
C SER A 2 -0.56 -0.09 4.44
N CYS A 3 0.63 -0.46 4.81
CA CYS A 3 1.56 0.49 5.37
C CYS A 3 2.47 1.03 4.30
N CYS A 4 2.50 2.31 4.17
CA CYS A 4 3.34 2.97 3.22
C CYS A 4 4.41 3.77 3.97
N PRO A 5 5.63 3.87 3.40
CA PRO A 5 6.72 4.61 4.03
C PRO A 5 6.46 6.12 4.11
N SER A 6 5.67 6.62 3.20
CA SER A 6 5.36 8.01 3.13
C SER A 6 3.88 8.17 2.74
N THR A 7 3.32 9.36 2.94
CA THR A 7 1.95 9.60 2.59
C THR A 7 1.80 9.70 1.07
N THR A 8 2.84 10.20 0.42
CA THR A 8 2.84 10.30 -1.02
C THR A 8 2.80 8.89 -1.63
N ALA A 9 3.45 7.92 -0.96
CA ALA A 9 3.41 6.53 -1.40
C ALA A 9 1.97 6.04 -1.35
N ARG A 10 1.25 6.40 -0.28
CA ARG A 10 -0.17 6.09 -0.18
C ARG A 10 -0.97 6.72 -1.29
N ASN A 11 -0.61 7.93 -1.68
CA ASN A 11 -1.32 8.64 -2.74
C ASN A 11 -1.19 7.94 -4.08
N ILE A 12 -0.08 7.26 -4.29
CA ILE A 12 0.09 6.45 -5.48
C ILE A 12 -0.60 5.09 -5.25
N TYR A 13 -0.33 4.48 -4.10
CA TYR A 13 -0.90 3.18 -3.74
C TYR A 13 -2.41 3.15 -3.85
N ASN A 14 -3.06 4.09 -3.16
CA ASN A 14 -4.50 4.12 -3.09
C ASN A 14 -5.10 4.24 -4.44
N THR A 15 -4.64 5.22 -5.22
CA THR A 15 -5.18 5.45 -6.55
C THR A 15 -4.91 4.29 -7.48
N CYS A 16 -3.75 3.68 -7.32
CA CYS A 16 -3.37 2.52 -8.10
C CYS A 16 -4.36 1.41 -7.89
N ARG A 17 -4.62 1.07 -6.63
CA ARG A 17 -5.46 -0.06 -6.32
C ARG A 17 -6.94 0.33 -6.26
N PHE A 18 -7.18 1.61 -6.34
CA PHE A 18 -8.51 2.18 -6.37
C PHE A 18 -9.10 1.85 -7.70
N GLY A 19 -8.25 1.95 -8.71
CA GLY A 19 -8.62 1.56 -10.01
C GLY A 19 -8.44 0.07 -10.19
N GLY A 20 -7.51 -0.30 -11.02
CA GLY A 20 -7.29 -1.68 -11.30
C GLY A 20 -5.98 -2.16 -10.75
N GLY A 21 -5.91 -3.41 -10.44
CA GLY A 21 -4.73 -3.98 -9.88
C GLY A 21 -5.01 -4.49 -8.50
N SER A 22 -4.14 -5.26 -7.97
CA SER A 22 -4.32 -5.83 -6.68
C SER A 22 -3.69 -4.94 -5.62
N ARG A 23 -4.06 -5.15 -4.37
CA ARG A 23 -3.52 -4.37 -3.28
C ARG A 23 -2.02 -4.58 -3.18
N THR A 24 -1.60 -5.81 -3.38
CA THR A 24 -0.22 -6.17 -3.26
C THR A 24 0.63 -5.63 -4.41
N LEU A 25 0.11 -5.69 -5.63
CA LEU A 25 0.83 -5.18 -6.79
C LEU A 25 1.04 -3.68 -6.67
N CYS A 26 0.02 -3.00 -6.20
CA CYS A 26 0.08 -1.57 -6.03
C CYS A 26 0.93 -1.20 -4.83
N ALA A 27 0.89 -2.04 -3.82
CA ALA A 27 1.76 -1.88 -2.66
C ALA A 27 3.20 -1.98 -3.08
N LYS A 28 3.54 -3.02 -3.82
CA LYS A 28 4.89 -3.26 -4.30
C LYS A 28 5.40 -2.09 -5.14
N LEU A 29 4.51 -1.54 -5.95
CA LEU A 29 4.83 -0.39 -6.78
C LEU A 29 5.17 0.85 -5.93
N SER A 30 4.39 1.06 -4.90
CA SER A 30 4.51 2.24 -4.07
C SER A 30 5.49 2.06 -2.89
N GLY A 31 5.96 0.84 -2.67
CA GLY A 31 6.86 0.57 -1.56
C GLY A 31 6.09 0.29 -0.27
N CYS A 32 4.83 0.05 -0.43
CA CYS A 32 3.94 -0.21 0.67
C CYS A 32 3.87 -1.69 0.94
N LYS A 33 3.52 -2.06 2.14
CA LYS A 33 3.41 -3.45 2.49
C LYS A 33 2.02 -3.75 3.00
N ILE A 34 1.47 -4.85 2.55
CA ILE A 34 0.14 -5.26 2.93
C ILE A 34 0.26 -6.17 4.13
N VAL A 35 -0.02 -5.66 5.30
CA VAL A 35 0.05 -6.47 6.48
C VAL A 35 -1.35 -6.94 6.82
N SER A 36 -1.46 -8.17 7.21
CA SER A 36 -2.73 -8.77 7.49
C SER A 36 -3.26 -8.29 8.85
N GLY A 37 -2.35 -8.08 9.77
CA GLY A 37 -2.74 -7.68 11.10
C GLY A 37 -3.10 -6.21 11.20
N THR A 38 -3.68 -5.86 12.32
CA THR A 38 -4.04 -4.50 12.63
C THR A 38 -2.80 -3.78 13.19
N THR A 39 -1.79 -4.54 13.49
CA THR A 39 -0.54 -4.03 13.92
C THR A 39 0.34 -3.85 12.69
N CYS A 40 1.19 -2.88 12.71
CA CYS A 40 2.09 -2.68 11.61
C CYS A 40 3.50 -2.58 12.16
N PRO A 41 4.42 -3.41 11.66
CA PRO A 41 5.81 -3.40 12.07
C PRO A 41 6.59 -2.26 11.42
N LYS A 42 7.85 -2.14 11.76
CA LYS A 42 8.69 -1.12 11.19
C LYS A 42 9.14 -1.54 9.80
N LYS A 1 -4.25 -2.76 7.58
CA LYS A 1 -3.64 -1.49 7.23
C LYS A 1 -2.61 -1.69 6.14
N SER A 2 -2.33 -0.65 5.43
CA SER A 2 -1.32 -0.66 4.43
C SER A 2 -0.21 0.25 4.92
N CYS A 3 0.94 -0.29 5.14
CA CYS A 3 2.01 0.48 5.71
C CYS A 3 2.79 1.18 4.62
N CYS A 4 2.58 2.45 4.52
CA CYS A 4 3.28 3.27 3.58
C CYS A 4 4.21 4.18 4.33
N PRO A 5 5.43 4.37 3.84
CA PRO A 5 6.41 5.25 4.49
C PRO A 5 6.18 6.74 4.16
N SER A 6 5.13 7.02 3.43
CA SER A 6 4.83 8.37 3.03
C SER A 6 3.35 8.55 2.75
N THR A 7 2.95 9.79 2.67
CA THR A 7 1.62 10.19 2.36
C THR A 7 1.40 10.02 0.86
N THR A 8 2.42 10.41 0.09
CA THR A 8 2.34 10.29 -1.34
C THR A 8 2.31 8.81 -1.74
N ALA A 9 3.03 7.98 -0.97
CA ALA A 9 3.06 6.54 -1.18
C ALA A 9 1.65 6.00 -1.10
N ARG A 10 0.92 6.44 -0.08
CA ARG A 10 -0.49 6.09 0.10
C ARG A 10 -1.32 6.51 -1.10
N ASN A 11 -1.16 7.75 -1.54
CA ASN A 11 -1.93 8.28 -2.67
C ASN A 11 -1.69 7.51 -3.95
N ILE A 12 -0.41 7.26 -4.28
CA ILE A 12 -0.06 6.48 -5.47
C ILE A 12 -0.61 5.06 -5.35
N TYR A 13 -0.39 4.46 -4.21
CA TYR A 13 -0.87 3.12 -3.91
C TYR A 13 -2.37 3.01 -4.08
N ASN A 14 -3.09 3.85 -3.35
CA ASN A 14 -4.53 3.82 -3.33
C ASN A 14 -5.14 4.05 -4.67
N THR A 15 -4.59 4.98 -5.43
CA THR A 15 -5.12 5.22 -6.77
C THR A 15 -4.82 4.07 -7.72
N CYS A 16 -3.65 3.47 -7.57
CA CYS A 16 -3.25 2.34 -8.41
C CYS A 16 -4.23 1.20 -8.24
N ARG A 17 -4.44 0.81 -6.99
CA ARG A 17 -5.31 -0.31 -6.66
C ARG A 17 -6.78 0.06 -6.70
N PHE A 18 -7.04 1.33 -6.86
CA PHE A 18 -8.39 1.84 -6.91
C PHE A 18 -9.00 1.43 -8.24
N GLY A 19 -8.26 1.71 -9.28
CA GLY A 19 -8.70 1.37 -10.60
C GLY A 19 -8.26 -0.03 -10.99
N GLY A 20 -6.98 -0.20 -11.15
CA GLY A 20 -6.45 -1.46 -11.59
C GLY A 20 -5.65 -2.17 -10.53
N GLY A 21 -4.77 -3.05 -10.99
CA GLY A 21 -3.82 -3.74 -10.15
C GLY A 21 -4.46 -4.59 -9.07
N SER A 22 -3.85 -4.56 -7.92
CA SER A 22 -4.27 -5.31 -6.74
C SER A 22 -3.70 -4.56 -5.55
N ARG A 23 -4.10 -4.93 -4.33
CA ARG A 23 -3.64 -4.23 -3.16
C ARG A 23 -2.15 -4.40 -2.98
N THR A 24 -1.68 -5.62 -2.98
CA THR A 24 -0.27 -5.87 -2.77
C THR A 24 0.56 -5.48 -4.00
N LEU A 25 -0.01 -5.72 -5.16
CA LEU A 25 0.63 -5.40 -6.44
C LEU A 25 0.94 -3.91 -6.50
N CYS A 26 -0.02 -3.11 -6.10
CA CYS A 26 0.14 -1.67 -6.13
C CYS A 26 0.88 -1.18 -4.91
N ALA A 27 0.82 -1.93 -3.83
CA ALA A 27 1.55 -1.59 -2.64
C ALA A 27 3.03 -1.63 -2.93
N LYS A 28 3.48 -2.74 -3.49
CA LYS A 28 4.89 -2.94 -3.86
C LYS A 28 5.36 -1.88 -4.88
N LEU A 29 4.44 -1.49 -5.74
CA LEU A 29 4.65 -0.48 -6.77
C LEU A 29 4.95 0.88 -6.08
N SER A 30 4.31 1.11 -4.99
CA SER A 30 4.40 2.37 -4.29
C SER A 30 5.43 2.33 -3.14
N GLY A 31 5.71 1.15 -2.64
CA GLY A 31 6.62 0.99 -1.52
C GLY A 31 5.86 0.73 -0.22
N CYS A 32 4.60 0.40 -0.36
CA CYS A 32 3.73 0.13 0.76
C CYS A 32 3.66 -1.37 1.02
N LYS A 33 3.39 -1.73 2.25
CA LYS A 33 3.25 -3.13 2.62
C LYS A 33 1.84 -3.40 3.13
N ILE A 34 1.21 -4.40 2.61
CA ILE A 34 -0.12 -4.80 3.06
C ILE A 34 0.10 -5.76 4.20
N VAL A 35 -0.26 -5.37 5.38
CA VAL A 35 0.07 -6.15 6.56
C VAL A 35 -1.12 -6.90 7.11
N SER A 36 -0.88 -7.65 8.18
CA SER A 36 -1.88 -8.44 8.86
C SER A 36 -3.10 -7.61 9.29
N GLY A 37 -2.85 -6.51 9.95
CA GLY A 37 -3.94 -5.67 10.35
C GLY A 37 -3.59 -4.76 11.47
N THR A 38 -3.66 -5.29 12.68
CA THR A 38 -3.45 -4.54 13.89
C THR A 38 -2.00 -4.08 13.99
N THR A 39 -1.12 -4.95 13.63
CA THR A 39 0.27 -4.68 13.69
C THR A 39 0.85 -4.60 12.30
N CYS A 40 2.07 -4.16 12.23
CA CYS A 40 2.78 -4.01 10.99
C CYS A 40 4.21 -4.47 11.21
N PRO A 41 4.66 -5.51 10.48
CA PRO A 41 6.05 -6.01 10.56
C PRO A 41 7.08 -4.93 10.26
N LYS A 42 8.28 -5.13 10.79
CA LYS A 42 9.43 -4.22 10.70
C LYS A 42 9.20 -3.02 11.58
N LYS A 1 -3.06 -3.06 8.59
CA LYS A 1 -2.74 -1.65 8.38
C LYS A 1 -1.70 -1.52 7.28
N SER A 2 -2.00 -0.73 6.28
CA SER A 2 -1.08 -0.50 5.21
C SER A 2 -0.15 0.64 5.60
N CYS A 3 1.11 0.36 5.62
CA CYS A 3 2.12 1.32 6.01
C CYS A 3 2.81 1.93 4.80
N CYS A 4 2.59 3.20 4.60
CA CYS A 4 3.25 3.92 3.56
C CYS A 4 4.27 4.87 4.18
N PRO A 5 5.46 4.99 3.61
CA PRO A 5 6.51 5.85 4.15
C PRO A 5 6.30 7.33 3.84
N SER A 6 5.66 7.61 2.72
CA SER A 6 5.45 8.95 2.27
C SER A 6 4.03 9.10 1.70
N THR A 7 3.49 10.29 1.78
CA THR A 7 2.16 10.62 1.31
C THR A 7 2.02 10.33 -0.20
N THR A 8 3.07 10.62 -0.96
CA THR A 8 3.07 10.39 -2.37
C THR A 8 2.96 8.89 -2.68
N ALA A 9 3.54 8.09 -1.81
CA ALA A 9 3.48 6.64 -1.95
C ALA A 9 2.06 6.18 -1.77
N ARG A 10 1.38 6.77 -0.77
CA ARG A 10 -0.02 6.48 -0.52
C ARG A 10 -0.84 6.86 -1.74
N ASN A 11 -0.58 8.04 -2.24
CA ASN A 11 -1.28 8.59 -3.40
C ASN A 11 -1.22 7.62 -4.59
N ILE A 12 -0.02 7.19 -4.94
CA ILE A 12 0.15 6.25 -6.06
C ILE A 12 -0.46 4.88 -5.70
N TYR A 13 -0.28 4.45 -4.46
CA TYR A 13 -0.85 3.20 -3.98
C TYR A 13 -2.37 3.17 -4.11
N ASN A 14 -3.02 4.13 -3.48
CA ASN A 14 -4.46 4.17 -3.44
C ASN A 14 -5.07 4.28 -4.79
N THR A 15 -4.52 5.14 -5.63
CA THR A 15 -5.07 5.30 -6.97
C THR A 15 -4.87 4.03 -7.80
N CYS A 16 -3.73 3.37 -7.60
CA CYS A 16 -3.44 2.12 -8.31
C CYS A 16 -4.50 1.09 -7.97
N ARG A 17 -4.68 0.82 -6.66
CA ARG A 17 -5.64 -0.19 -6.21
C ARG A 17 -7.09 0.25 -6.37
N PHE A 18 -7.27 1.52 -6.57
CA PHE A 18 -8.59 2.08 -6.79
C PHE A 18 -9.02 1.72 -8.21
N GLY A 19 -8.08 1.82 -9.12
CA GLY A 19 -8.36 1.50 -10.49
C GLY A 19 -8.12 0.04 -10.79
N GLY A 20 -6.87 -0.32 -10.90
CA GLY A 20 -6.51 -1.67 -11.24
C GLY A 20 -5.82 -2.39 -10.09
N GLY A 21 -5.06 -3.41 -10.43
CA GLY A 21 -4.25 -4.15 -9.48
C GLY A 21 -5.02 -4.69 -8.30
N SER A 22 -4.38 -4.67 -7.14
CA SER A 22 -4.93 -5.13 -5.90
C SER A 22 -4.15 -4.47 -4.75
N ARG A 23 -4.64 -4.61 -3.52
CA ARG A 23 -4.06 -3.95 -2.35
C ARG A 23 -2.56 -4.21 -2.13
N THR A 24 -2.11 -5.44 -2.10
CA THR A 24 -0.70 -5.67 -1.81
C THR A 24 0.15 -5.49 -3.07
N LEU A 25 -0.47 -5.64 -4.21
CA LEU A 25 0.19 -5.53 -5.48
C LEU A 25 0.58 -4.07 -5.74
N CYS A 26 -0.36 -3.19 -5.50
CA CYS A 26 -0.11 -1.77 -5.68
C CYS A 26 0.69 -1.20 -4.52
N ALA A 27 0.60 -1.83 -3.37
CA ALA A 27 1.38 -1.41 -2.22
C ALA A 27 2.84 -1.70 -2.47
N LYS A 28 3.15 -2.92 -2.90
CA LYS A 28 4.51 -3.35 -3.21
C LYS A 28 5.11 -2.42 -4.27
N LEU A 29 4.26 -2.01 -5.20
CA LEU A 29 4.59 -1.10 -6.28
C LEU A 29 5.00 0.27 -5.72
N SER A 30 4.24 0.76 -4.78
CA SER A 30 4.42 2.11 -4.26
C SER A 30 5.37 2.17 -3.05
N GLY A 31 5.72 1.02 -2.50
CA GLY A 31 6.61 0.99 -1.36
C GLY A 31 5.85 0.92 -0.05
N CYS A 32 4.58 0.65 -0.15
CA CYS A 32 3.73 0.54 0.99
C CYS A 32 3.66 -0.92 1.42
N LYS A 33 3.49 -1.14 2.69
CA LYS A 33 3.44 -2.47 3.19
C LYS A 33 2.04 -2.85 3.58
N ILE A 34 1.45 -3.72 2.80
CA ILE A 34 0.18 -4.32 3.12
C ILE A 34 0.47 -5.55 3.93
N VAL A 35 0.00 -5.56 5.12
CA VAL A 35 0.21 -6.68 5.98
C VAL A 35 -1.01 -7.58 5.98
N SER A 36 -0.77 -8.85 6.16
CA SER A 36 -1.81 -9.84 6.21
C SER A 36 -2.55 -9.72 7.54
N GLY A 37 -1.82 -9.32 8.57
CA GLY A 37 -2.41 -9.17 9.87
C GLY A 37 -3.02 -7.80 10.05
N THR A 38 -3.49 -7.54 11.24
CA THR A 38 -4.10 -6.29 11.57
C THR A 38 -3.01 -5.24 11.82
N THR A 39 -1.96 -5.68 12.48
CA THR A 39 -0.89 -4.81 12.88
C THR A 39 0.16 -4.73 11.80
N CYS A 40 0.92 -3.69 11.83
CA CYS A 40 1.97 -3.47 10.87
C CYS A 40 3.30 -3.39 11.61
N PRO A 41 4.04 -4.50 11.66
CA PRO A 41 5.29 -4.57 12.39
C PRO A 41 6.48 -4.09 11.57
N LYS A 42 7.36 -3.44 12.22
CA LYS A 42 8.58 -2.95 11.64
C LYS A 42 9.70 -3.76 12.21
#